data_8ACF
#
_entry.id   8ACF
#
_cell.length_a   71.830
_cell.length_b   89.140
_cell.length_c   146.490
_cell.angle_alpha   90.000
_cell.angle_beta   90.000
_cell.angle_gamma   90.000
#
_symmetry.space_group_name_H-M   'P 21 21 21'
#
loop_
_entity.id
_entity.type
_entity.pdbx_description
1 polymer 'Complement C2b fragment'
2 polymer 'Heavy chain of mAb ARGX-117 Fab'
3 polymer 'Nanobody specific for the kappa-light chain'
4 polymer 'Light chain of mAb ARGX-117 Fab'
5 branched alpha-D-mannopyranose-(1-6)-beta-D-mannopyranose-(1-4)-2-acetamido-2-deoxy-beta-D-glucopyranose-(1-4)-2-acetamido-2-deoxy-beta-D-glucopyranose
6 non-polymer '4-(2-HYDROXYETHYL)-1-PIPERAZINE ETHANESULFONIC ACID'
7 non-polymer 'CALCIUM ION'
8 non-polymer 'CHLORIDE ION'
9 water water
#
loop_
_entity_poly.entity_id
_entity_poly.type
_entity_poly.pdbx_seq_one_letter_code
_entity_poly.pdbx_strand_id
1 'polypeptide(L)'
;APSCPQNVNISGGTFTLSHGWAPGSLLTYSCPQGLYPSPASRLCKSSGQWQTPGATRSLSKAVCKPVRCPAPVSFENGIY
TPRLGSYPVGGNVSFECEDGFILRGSPVRQCRPNGMWDGETAVCDNGAGHCPNPGISLGAVRTGFRFGHGDKVRYRCSSN
LVLTGSSERECQGNGVWSGTEPICRQPYSYDFPEDVA
;
A
2 'polypeptide(L)'
;EVQLVQSGAEVKKPGASVKVSCKASGYTFTDYNMDWVRQATGQGLEWIGDINPNYESTGYNQKFKGRATMTVDKSISTAY
MELSSLRSEDTAVYYCAREDDHDAFAYWGQGTLVTVSSASTKGPSVFPLAPSSKSTSGGTAALGCLVKDYFPEPVTVSWN
SGALTSGVHTFPAVLQSSGLYSLSSVVTVPSSSLGTQTYICNVNHKPSNTKVDKKVEPK
;
H
3 'polypeptide(L)'
;QVQLQESGGGLVQPGGSLRLSCAASGRTISRYAMSWFRQAPGKEREFVAVARRSGDGAFYADSVQGRFTVSRDDAKNTVY
LQMNSLKPEDTAVYYCAIDSDTFYSGSYDYWGQGTQVTVSSEHHHHHH
;
K
4 'polypeptide(L)'
;DNVLTQSPDSLAVSLGERATISCRASKSVRTSGYNYMHWYQQKPGQPPKLLIYLASNLKSGVPDRFSGSGSGTDFTLTIS
SLQAEDAATYYCQHSRELPYTFGQGTKLEIKRTVAAPSVFIFPPSDEQLKSGTASVVCLLNNFYPREAKVQWKVDNALQS
GNSQESVTEQDSKDSTYSLSSTLTLSKADYEKHKVYACEVTHQGLSSPVTKSFNRGEC
;
L
#
# COMPACT_ATOMS: atom_id res chain seq x y z
N CYS A 31 44.97 -4.53 10.09
CA CYS A 31 43.94 -5.32 9.40
C CYS A 31 44.36 -5.55 7.94
N PRO A 32 43.68 -6.44 7.24
CA PRO A 32 43.95 -6.61 5.80
C PRO A 32 43.64 -5.33 5.03
N GLN A 33 43.99 -5.35 3.74
CA GLN A 33 43.75 -4.19 2.90
C GLN A 33 42.25 -3.97 2.75
N GLY A 34 41.83 -2.71 2.79
CA GLY A 34 40.42 -2.37 2.71
C GLY A 34 39.66 -2.50 4.00
N LEU A 35 40.35 -2.68 5.14
CA LEU A 35 39.73 -2.66 6.47
C LEU A 35 40.61 -1.84 7.40
N TYR A 36 40.00 -1.19 8.39
CA TYR A 36 40.70 -0.39 9.38
C TYR A 36 40.32 -0.83 10.79
N PRO A 37 41.25 -0.78 11.74
CA PRO A 37 40.94 -1.27 13.08
C PRO A 37 40.26 -0.21 13.95
N SER A 38 39.72 -0.67 15.07
CA SER A 38 39.37 0.16 16.23
C SER A 38 40.64 0.82 16.75
N PRO A 39 40.54 1.81 17.66
CA PRO A 39 41.73 2.58 18.05
C PRO A 39 42.86 1.72 18.60
N ALA A 40 44.08 2.04 18.12
CA ALA A 40 45.31 1.25 18.28
C ALA A 40 45.28 0.03 17.36
N SER A 41 46.28 -0.86 17.50
CA SER A 41 46.44 -2.08 16.70
C SER A 41 46.27 -1.87 15.19
N VAL A 63 37.97 -4.67 16.52
CA VAL A 63 37.11 -4.91 15.37
C VAL A 63 37.79 -4.34 14.11
N CYS A 64 38.04 -5.22 13.14
CA CYS A 64 38.52 -4.79 11.82
C CYS A 64 37.30 -4.44 10.98
N LYS A 65 36.99 -3.14 10.86
CA LYS A 65 35.83 -2.66 10.13
C LYS A 65 36.19 -2.31 8.69
N PRO A 66 35.23 -2.33 7.77
CA PRO A 66 35.57 -2.02 6.38
C PRO A 66 35.82 -0.54 6.19
N VAL A 67 36.74 -0.23 5.30
CA VAL A 67 37.01 1.15 4.95
C VAL A 67 35.82 1.69 4.18
N ARG A 68 35.49 2.96 4.39
CA ARG A 68 34.45 3.65 3.62
C ARG A 68 35.01 5.00 3.15
N CYS A 69 34.74 5.37 1.91
CA CYS A 69 35.10 6.69 1.43
C CYS A 69 34.02 7.71 1.83
N PRO A 70 34.45 8.98 2.02
CA PRO A 70 33.47 9.98 2.49
C PRO A 70 32.50 10.46 1.42
N ALA A 71 31.25 10.72 1.85
CA ALA A 71 30.26 11.28 0.94
C ALA A 71 30.45 12.79 0.79
N PRO A 72 29.90 13.40 -0.28
CA PRO A 72 29.87 14.88 -0.34
C PRO A 72 29.04 15.47 0.79
N VAL A 73 29.57 16.51 1.45
CA VAL A 73 28.72 17.29 2.36
C VAL A 73 27.59 17.95 1.60
N SER A 74 27.92 18.48 0.41
CA SER A 74 26.99 19.11 -0.50
C SER A 74 27.56 18.98 -1.91
N PHE A 75 26.72 19.14 -2.91
CA PHE A 75 27.14 19.21 -4.30
C PHE A 75 26.21 20.23 -4.93
N GLU A 76 26.60 21.51 -4.84
CA GLU A 76 25.71 22.60 -5.25
C GLU A 76 25.47 22.58 -6.74
N ASN A 77 24.23 22.84 -7.14
CA ASN A 77 23.82 22.99 -8.54
C ASN A 77 24.06 21.71 -9.34
N GLY A 78 23.94 20.58 -8.66
CA GLY A 78 24.03 19.30 -9.33
C GLY A 78 23.53 18.22 -8.41
N ILE A 79 23.69 16.97 -8.83
CA ILE A 79 23.30 15.82 -8.02
C ILE A 79 24.43 14.81 -8.13
N TYR A 80 24.35 13.76 -7.30
CA TYR A 80 25.26 12.63 -7.39
C TYR A 80 24.48 11.36 -7.04
N THR A 81 24.90 10.27 -7.67
CA THR A 81 24.21 8.98 -7.54
C THR A 81 25.22 7.84 -7.43
N PRO A 82 24.98 6.82 -6.59
CA PRO A 82 23.93 6.73 -5.59
C PRO A 82 24.29 7.78 -4.49
N ARG A 83 23.28 8.23 -3.76
CA ARG A 83 23.41 9.19 -2.66
C ARG A 83 23.43 8.40 -1.37
N LEU A 84 24.63 8.19 -0.84
CA LEU A 84 24.82 7.40 0.38
C LEU A 84 25.55 8.23 1.43
N GLY A 85 25.50 7.75 2.68
CA GLY A 85 26.18 8.41 3.78
C GLY A 85 27.68 8.21 3.78
N SER A 86 28.13 7.11 3.14
CA SER A 86 29.53 6.77 2.90
C SER A 86 29.52 5.68 1.83
N TYR A 87 30.69 5.39 1.28
CA TYR A 87 30.73 4.53 0.10
C TYR A 87 31.69 3.36 0.30
N PRO A 88 31.30 2.14 -0.12
CA PRO A 88 32.21 1.00 0.03
C PRO A 88 33.41 1.12 -0.90
N VAL A 89 34.48 0.41 -0.51
CA VAL A 89 35.62 0.19 -1.39
C VAL A 89 35.12 -0.42 -2.68
N GLY A 90 35.55 0.14 -3.80
CA GLY A 90 35.12 -0.25 -5.11
C GLY A 90 33.85 0.40 -5.58
N GLY A 91 33.15 1.13 -4.71
CA GLY A 91 31.94 1.80 -5.12
C GLY A 91 32.25 3.02 -5.97
N ASN A 92 31.27 3.37 -6.79
CA ASN A 92 31.37 4.51 -7.68
C ASN A 92 30.31 5.55 -7.37
N VAL A 93 30.69 6.81 -7.53
CA VAL A 93 29.77 7.93 -7.41
C VAL A 93 29.86 8.73 -8.70
N SER A 94 28.69 9.14 -9.21
CA SER A 94 28.62 9.83 -10.50
C SER A 94 27.95 11.17 -10.29
N PHE A 95 28.49 12.22 -10.90
CA PHE A 95 28.06 13.59 -10.66
C PHE A 95 27.43 14.15 -11.91
N GLU A 96 26.41 14.98 -11.73
CA GLU A 96 25.68 15.61 -12.82
C GLU A 96 25.35 17.03 -12.43
N CYS A 97 25.37 17.96 -13.39
CA CYS A 97 25.11 19.36 -13.12
C CYS A 97 23.73 19.77 -13.61
N GLU A 98 23.18 20.81 -12.98
CA GLU A 98 21.91 21.38 -13.39
C GLU A 98 22.10 22.22 -14.65
N ASP A 99 21.00 22.74 -15.17
CA ASP A 99 21.06 23.59 -16.36
C ASP A 99 21.84 24.87 -16.08
N GLY A 100 22.63 25.29 -17.06
CA GLY A 100 23.40 26.50 -16.94
C GLY A 100 24.70 26.38 -16.17
N PHE A 101 25.17 25.15 -15.96
CA PHE A 101 26.40 24.90 -15.20
C PHE A 101 27.33 23.99 -15.98
N ILE A 102 28.64 24.16 -15.76
CA ILE A 102 29.67 23.36 -16.40
C ILE A 102 30.19 22.38 -15.37
N LEU A 103 30.32 21.13 -15.78
CA LEU A 103 30.82 20.10 -14.89
C LEU A 103 32.32 20.02 -15.16
N ARG A 104 33.11 20.36 -14.16
CA ARG A 104 34.56 20.21 -14.20
C ARG A 104 34.95 19.19 -13.16
N GLY A 105 36.13 18.60 -13.30
CA GLY A 105 36.53 17.50 -12.47
C GLY A 105 36.04 16.18 -13.04
N SER A 106 36.11 15.14 -12.21
CA SER A 106 35.81 13.79 -12.67
C SER A 106 34.32 13.52 -12.56
N PRO A 107 33.61 13.23 -13.67
CA PRO A 107 32.19 12.93 -13.50
C PRO A 107 31.93 11.63 -12.77
N VAL A 108 32.83 10.65 -12.82
CA VAL A 108 32.66 9.37 -12.15
C VAL A 108 33.93 9.08 -11.35
N ARG A 109 33.76 8.72 -10.06
CA ARG A 109 34.88 8.52 -9.16
C ARG A 109 34.67 7.21 -8.44
N GLN A 110 35.76 6.49 -8.21
CA GLN A 110 35.72 5.22 -7.51
C GLN A 110 36.44 5.31 -6.17
N CYS A 111 35.87 4.63 -5.17
CA CYS A 111 36.43 4.57 -3.83
C CYS A 111 37.51 3.49 -3.74
N ARG A 112 38.75 3.90 -3.36
CA ARG A 112 39.92 3.01 -3.35
C ARG A 112 40.11 2.33 -1.99
N PRO A 113 40.92 1.27 -1.94
CA PRO A 113 41.03 0.49 -0.70
C PRO A 113 41.56 1.26 0.51
N ASN A 114 42.23 2.39 0.30
CA ASN A 114 42.72 3.20 1.42
C ASN A 114 41.70 4.28 1.82
N GLY A 115 40.45 4.18 1.35
CA GLY A 115 39.44 5.13 1.73
C GLY A 115 39.51 6.46 1.04
N MET A 116 40.29 6.57 -0.04
CA MET A 116 40.38 7.79 -0.84
C MET A 116 39.69 7.57 -2.19
N TRP A 117 39.05 8.62 -2.69
CA TRP A 117 38.48 8.63 -4.02
C TRP A 117 39.57 8.85 -5.06
N ASP A 118 39.44 8.22 -6.22
CA ASP A 118 40.33 8.54 -7.32
C ASP A 118 39.76 9.70 -8.13
N GLY A 119 40.47 10.06 -9.22
CA GLY A 119 40.02 11.20 -10.02
C GLY A 119 40.16 12.52 -9.28
N GLU A 120 39.46 13.53 -9.78
CA GLU A 120 39.56 14.91 -9.30
C GLU A 120 38.18 15.37 -8.86
N THR A 121 38.16 16.30 -7.89
CA THR A 121 36.92 16.81 -7.32
C THR A 121 36.05 17.39 -8.42
N ALA A 122 34.80 16.91 -8.48
CA ALA A 122 33.79 17.42 -9.38
C ALA A 122 33.20 18.70 -8.83
N VAL A 123 32.86 19.60 -9.73
CA VAL A 123 32.19 20.85 -9.33
C VAL A 123 31.30 21.29 -10.48
N CYS A 124 30.17 21.93 -10.14
CA CYS A 124 29.26 22.54 -11.11
C CYS A 124 29.51 24.04 -11.05
N ASP A 125 30.04 24.58 -12.15
CA ASP A 125 30.50 25.96 -12.24
C ASP A 125 29.67 26.73 -13.27
N ASN A 126 29.12 27.86 -12.87
CA ASN A 126 28.40 28.71 -13.81
C ASN A 126 29.33 29.65 -14.58
N GLY A 127 30.62 29.66 -14.25
CA GLY A 127 31.57 30.47 -15.00
C GLY A 127 31.49 31.95 -14.76
N ALA A 128 30.66 32.38 -13.79
CA ALA A 128 30.46 33.81 -13.55
C ALA A 128 31.48 34.41 -12.59
N GLY A 129 32.27 33.58 -11.91
CA GLY A 129 33.25 34.08 -10.98
C GLY A 129 34.50 34.61 -11.66
N HIS A 130 35.22 35.47 -10.94
CA HIS A 130 36.56 35.84 -11.40
C HIS A 130 37.48 34.62 -11.45
N CYS A 131 37.37 33.75 -10.45
CA CYS A 131 38.04 32.46 -10.39
C CYS A 131 37.04 31.34 -10.62
N PRO A 132 37.48 30.15 -11.01
CA PRO A 132 36.54 29.02 -11.09
C PRO A 132 36.02 28.63 -9.71
N ASN A 133 34.86 27.99 -9.72
CA ASN A 133 34.31 27.41 -8.48
C ASN A 133 35.31 26.41 -7.93
N PRO A 134 35.86 26.61 -6.71
CA PRO A 134 36.89 25.69 -6.24
C PRO A 134 36.35 24.36 -5.78
N GLY A 135 35.03 24.17 -5.74
CA GLY A 135 34.46 22.93 -5.30
C GLY A 135 34.68 22.69 -3.81
N ILE A 136 34.23 21.52 -3.38
CA ILE A 136 34.41 21.04 -2.03
C ILE A 136 34.87 19.60 -2.18
N SER A 137 36.12 19.31 -1.84
CA SER A 137 36.59 17.93 -1.89
C SER A 137 35.79 17.06 -0.91
N LEU A 138 35.61 15.80 -1.27
CA LEU A 138 34.75 14.89 -0.52
C LEU A 138 35.34 14.60 0.85
N GLY A 139 34.54 14.81 1.88
CA GLY A 139 34.99 14.77 3.26
C GLY A 139 35.22 16.13 3.89
N ALA A 140 35.33 17.17 3.10
CA ALA A 140 35.55 18.52 3.58
C ALA A 140 34.25 19.33 3.60
N VAL A 141 34.25 20.36 4.42
CA VAL A 141 33.19 21.36 4.49
C VAL A 141 33.86 22.68 4.15
N ARG A 142 33.15 23.54 3.41
CA ARG A 142 33.69 24.83 3.00
C ARG A 142 32.77 25.95 3.46
N THR A 143 33.38 27.10 3.79
CA THR A 143 32.69 28.35 4.06
C THR A 143 33.21 29.40 3.10
N GLY A 144 32.32 30.28 2.65
CA GLY A 144 32.66 31.27 1.64
C GLY A 144 32.15 30.84 0.27
N PHE A 145 31.24 31.64 -0.31
CA PHE A 145 30.56 31.27 -1.56
C PHE A 145 30.63 32.40 -2.58
N ARG A 146 31.65 33.26 -2.48
CA ARG A 146 31.91 34.30 -3.47
C ARG A 146 33.27 34.04 -4.10
N PHE A 147 33.31 34.06 -5.43
CA PHE A 147 34.49 33.69 -6.19
C PHE A 147 35.04 34.85 -7.01
N GLY A 148 34.86 36.09 -6.53
CA GLY A 148 35.43 37.25 -7.17
C GLY A 148 36.85 37.52 -6.71
N HIS A 149 37.49 38.48 -7.36
CA HIS A 149 38.87 38.81 -7.08
C HIS A 149 39.04 39.24 -5.62
N GLY A 150 39.97 38.59 -4.92
CA GLY A 150 40.24 38.88 -3.54
C GLY A 150 39.44 38.06 -2.54
N ASP A 151 38.32 37.48 -2.97
CA ASP A 151 37.50 36.66 -2.08
C ASP A 151 38.28 35.44 -1.63
N LYS A 152 37.83 34.86 -0.51
CA LYS A 152 38.50 33.72 0.10
C LYS A 152 37.47 32.68 0.53
N VAL A 153 37.95 31.44 0.63
CA VAL A 153 37.18 30.31 1.12
C VAL A 153 38.02 29.61 2.17
N ARG A 154 37.34 28.97 3.11
CA ARG A 154 38.00 28.21 4.16
C ARG A 154 37.45 26.81 4.17
N TYR A 155 38.33 25.85 4.44
CA TYR A 155 37.97 24.44 4.46
C TYR A 155 38.33 23.80 5.78
N ARG A 156 37.46 22.89 6.25
CA ARG A 156 37.75 21.99 7.35
C ARG A 156 37.29 20.60 6.95
N CYS A 157 37.91 19.59 7.54
CA CYS A 157 37.49 18.22 7.31
C CYS A 157 36.42 17.86 8.35
N SER A 158 35.94 16.61 8.28
CA SER A 158 34.92 16.12 9.18
C SER A 158 35.34 14.79 9.80
N SER A 159 34.76 14.51 10.97
CA SER A 159 34.98 13.26 11.71
C SER A 159 36.48 13.15 11.97
N ASN A 160 37.11 11.99 11.75
CA ASN A 160 38.53 11.83 12.03
C ASN A 160 39.42 12.14 10.83
N LEU A 161 38.85 12.75 9.78
CA LEU A 161 39.62 12.99 8.57
C LEU A 161 40.67 14.08 8.79
N VAL A 162 41.83 13.87 8.18
CA VAL A 162 43.00 14.74 8.36
C VAL A 162 43.13 15.62 7.13
N LEU A 163 43.03 16.94 7.34
CA LEU A 163 43.15 17.88 6.24
C LEU A 163 44.60 17.96 5.79
N THR A 164 44.82 17.82 4.48
CA THR A 164 46.12 18.07 3.85
C THR A 164 45.87 19.09 2.74
N GLY A 165 46.81 19.99 2.55
CA GLY A 165 46.63 21.08 1.59
C GLY A 165 46.26 22.38 2.29
N SER A 166 45.80 23.33 1.48
CA SER A 166 45.54 24.69 1.98
C SER A 166 44.17 24.75 2.60
N SER A 167 44.10 25.07 3.89
CA SER A 167 42.82 25.25 4.55
C SER A 167 42.15 26.57 4.18
N GLU A 168 42.90 27.52 3.64
CA GLU A 168 42.36 28.78 3.14
C GLU A 168 42.96 29.07 1.78
N ARG A 169 42.12 29.57 0.86
CA ARG A 169 42.53 29.90 -0.50
C ARG A 169 41.85 31.20 -0.91
N GLU A 170 42.60 32.06 -1.62
CA GLU A 170 42.13 33.35 -2.09
C GLU A 170 42.08 33.35 -3.61
N CYS A 171 41.10 34.06 -4.16
CA CYS A 171 40.98 34.26 -5.60
C CYS A 171 41.93 35.36 -6.04
N GLN A 172 42.94 34.99 -6.84
CA GLN A 172 44.01 35.91 -7.23
C GLN A 172 43.63 36.69 -8.49
N GLY A 173 44.52 37.60 -8.91
CA GLY A 173 44.23 38.45 -10.04
C GLY A 173 44.19 37.72 -11.37
N ASN A 174 45.04 36.71 -11.55
CA ASN A 174 45.08 35.96 -12.80
C ASN A 174 44.00 34.91 -12.92
N GLY A 175 43.02 34.89 -12.01
CA GLY A 175 41.94 33.93 -12.06
C GLY A 175 42.20 32.60 -11.41
N VAL A 176 43.31 32.46 -10.70
CA VAL A 176 43.74 31.20 -10.08
C VAL A 176 43.56 31.32 -8.57
N TRP A 177 43.10 30.23 -7.95
CA TRP A 177 43.03 30.17 -6.50
C TRP A 177 44.42 29.92 -5.93
N SER A 178 44.75 30.62 -4.86
CA SER A 178 46.03 30.48 -4.21
C SER A 178 46.13 29.12 -3.52
N GLY A 179 47.36 28.73 -3.19
CA GLY A 179 47.52 27.49 -2.44
C GLY A 179 47.21 26.26 -3.26
N THR A 180 46.85 25.20 -2.55
CA THR A 180 46.55 23.90 -3.14
C THR A 180 45.18 23.44 -2.63
N GLU A 181 44.57 22.56 -3.38
CA GLU A 181 43.26 22.06 -2.97
C GLU A 181 43.41 21.25 -1.68
N PRO A 182 42.55 21.47 -0.67
CA PRO A 182 42.59 20.59 0.50
C PRO A 182 41.99 19.23 0.19
N ILE A 183 42.60 18.20 0.76
CA ILE A 183 42.19 16.82 0.58
C ILE A 183 42.10 16.19 1.97
N CYS A 184 40.93 15.65 2.30
CA CYS A 184 40.67 15.05 3.61
C CYS A 184 41.08 13.59 3.56
N ARG A 185 42.25 13.28 4.11
CA ARG A 185 42.79 11.93 4.07
C ARG A 185 42.29 11.13 5.27
N GLN A 186 42.24 9.82 5.08
CA GLN A 186 41.86 8.93 6.16
C GLN A 186 42.99 8.90 7.20
N PRO A 187 42.67 8.84 8.50
CA PRO A 187 43.77 8.81 9.49
C PRO A 187 44.62 7.56 9.36
N TYR A 188 43.98 6.39 9.29
CA TYR A 188 44.67 5.19 8.82
C TYR A 188 45.09 5.41 7.37
N SER A 189 46.25 4.87 7.01
CA SER A 189 46.75 4.93 5.64
C SER A 189 46.94 6.36 5.14
N GLU B 1 20.03 -8.52 13.76
CA GLU B 1 21.31 -7.86 13.28
C GLU B 1 21.11 -6.31 13.32
N VAL B 2 20.80 -5.68 12.19
CA VAL B 2 20.50 -4.24 12.21
C VAL B 2 19.07 -4.06 12.71
N GLN B 3 18.89 -3.13 13.64
CA GLN B 3 17.57 -2.81 14.17
C GLN B 3 17.39 -1.31 14.23
N LEU B 4 16.23 -0.83 13.78
CA LEU B 4 15.79 0.56 13.88
C LEU B 4 14.52 0.60 14.72
N VAL B 5 14.55 1.31 15.85
CA VAL B 5 13.46 1.31 16.82
C VAL B 5 12.97 2.73 17.05
N GLN B 6 11.72 2.98 16.76
CA GLN B 6 11.13 4.32 16.79
C GLN B 6 10.38 4.56 18.09
N SER B 7 10.17 5.85 18.38
CA SER B 7 9.37 6.26 19.51
C SER B 7 7.91 5.95 19.25
N GLY B 8 7.10 6.10 20.31
CA GLY B 8 5.73 5.65 20.27
C GLY B 8 4.76 6.63 19.57
N ALA B 9 3.51 6.18 19.45
CA ALA B 9 2.49 6.94 18.74
C ALA B 9 2.27 8.30 19.41
N GLU B 10 1.91 9.28 18.59
CA GLU B 10 1.69 10.65 19.03
C GLU B 10 0.32 11.18 18.56
N VAL B 11 -0.25 12.06 19.34
CA VAL B 11 -1.46 12.76 18.94
C VAL B 11 -1.21 14.26 19.12
N LYS B 12 -1.53 15.04 18.10
CA LYS B 12 -1.20 16.46 18.08
C LYS B 12 -2.38 17.24 17.51
N LYS B 13 -2.52 18.48 17.92
CA LYS B 13 -3.49 19.41 17.38
C LYS B 13 -2.93 20.10 16.15
N PRO B 14 -3.80 20.56 15.24
CA PRO B 14 -3.28 21.28 14.06
C PRO B 14 -2.54 22.53 14.49
N GLY B 15 -1.43 22.80 13.79
CA GLY B 15 -0.57 23.91 14.17
C GLY B 15 0.57 23.53 15.10
N ALA B 16 0.50 22.35 15.72
CA ALA B 16 1.52 21.92 16.65
C ALA B 16 2.70 21.31 15.90
N SER B 17 3.70 20.84 16.65
CA SER B 17 4.87 20.13 16.12
C SER B 17 4.96 18.75 16.75
N VAL B 18 5.64 17.85 16.05
CA VAL B 18 5.87 16.50 16.54
C VAL B 18 7.33 16.18 16.25
N LYS B 19 7.97 15.44 17.17
CA LYS B 19 9.36 15.02 16.99
C LYS B 19 9.42 13.52 17.22
N VAL B 20 9.83 12.79 16.20
CA VAL B 20 9.87 11.33 16.21
C VAL B 20 11.34 10.95 16.25
N SER B 21 11.66 9.91 17.02
CA SER B 21 13.03 9.44 17.20
C SER B 21 13.16 8.05 16.57
N CYS B 22 14.41 7.71 16.22
CA CYS B 22 14.77 6.43 15.60
C CYS B 22 16.15 6.01 16.09
N LYS B 23 16.18 5.00 16.96
CA LYS B 23 17.43 4.51 17.50
C LYS B 23 17.96 3.36 16.67
N ALA B 24 19.20 3.46 16.20
CA ALA B 24 19.81 2.49 15.32
C ALA B 24 20.82 1.64 16.08
N SER B 25 20.85 0.34 15.77
CA SER B 25 21.88 -0.53 16.34
C SER B 25 22.24 -1.60 15.34
N GLY B 26 23.37 -2.27 15.57
CA GLY B 26 23.80 -3.36 14.76
C GLY B 26 24.71 -3.03 13.61
N TYR B 27 25.09 -1.77 13.44
CA TYR B 27 26.01 -1.33 12.40
C TYR B 27 26.65 -0.03 12.86
N THR B 28 27.66 0.40 12.12
CA THR B 28 28.35 1.65 12.39
C THR B 28 27.45 2.79 11.93
N PHE B 29 26.95 3.60 12.88
CA PHE B 29 25.90 4.59 12.61
C PHE B 29 26.32 5.58 11.52
N THR B 30 27.57 6.03 11.55
CA THR B 30 28.02 7.03 10.58
C THR B 30 28.30 6.45 9.20
N ASP B 31 28.16 5.14 8.99
CA ASP B 31 28.34 4.62 7.63
C ASP B 31 27.23 5.03 6.66
N TYR B 32 26.05 5.42 7.16
CA TYR B 32 24.85 5.52 6.31
C TYR B 32 24.03 6.72 6.70
N ASN B 33 23.38 7.30 5.70
CA ASN B 33 22.37 8.31 5.97
C ASN B 33 21.26 7.63 6.77
N MET B 34 20.40 8.41 7.39
CA MET B 34 19.09 7.95 7.85
C MET B 34 18.05 8.74 7.04
N ASP B 35 17.08 8.01 6.53
CA ASP B 35 16.00 8.61 5.75
C ASP B 35 14.70 8.49 6.55
N TRP B 36 13.73 9.28 6.13
CA TRP B 36 12.40 9.27 6.69
C TRP B 36 11.39 9.22 5.57
N VAL B 37 10.37 8.38 5.78
CA VAL B 37 9.31 8.10 4.80
C VAL B 37 8.00 8.03 5.56
N ARG B 38 6.92 8.53 4.97
CA ARG B 38 5.62 8.42 5.62
C ARG B 38 4.58 7.78 4.70
N GLN B 39 3.53 7.26 5.35
CA GLN B 39 2.44 6.59 4.64
C GLN B 39 1.11 6.92 5.29
N ALA B 40 0.25 7.64 4.60
CA ALA B 40 -1.11 7.76 5.12
C ALA B 40 -1.86 6.44 4.95
N THR B 41 -2.92 6.26 5.74
CA THR B 41 -3.61 4.98 5.78
C THR B 41 -4.28 4.70 4.44
N GLY B 42 -4.11 3.48 3.93
CA GLY B 42 -4.60 3.12 2.62
C GLY B 42 -3.99 3.90 1.48
N GLN B 43 -2.83 4.52 1.70
CA GLN B 43 -2.19 5.41 0.74
C GLN B 43 -0.76 4.96 0.51
N GLY B 44 -0.06 5.69 -0.38
CA GLY B 44 1.27 5.32 -0.79
C GLY B 44 2.33 5.88 0.13
N LEU B 45 3.58 5.69 -0.28
CA LEU B 45 4.75 6.04 0.50
C LEU B 45 5.36 7.32 -0.05
N GLU B 46 5.76 8.21 0.86
CA GLU B 46 6.25 9.53 0.50
C GLU B 46 7.56 9.77 1.23
N TRP B 47 8.63 10.06 0.50
CA TRP B 47 9.92 10.33 1.13
C TRP B 47 9.97 11.76 1.66
N ILE B 48 10.46 11.92 2.90
CA ILE B 48 10.50 13.20 3.55
C ILE B 48 11.86 13.87 3.40
N GLY B 49 12.93 13.14 3.73
CA GLY B 49 14.26 13.72 3.75
C GLY B 49 15.27 12.73 4.29
N ASP B 50 16.52 13.17 4.31
CA ASP B 50 17.58 12.34 4.85
C ASP B 50 18.59 13.22 5.58
N ILE B 51 19.42 12.57 6.38
CA ILE B 51 20.50 13.26 7.09
C ILE B 51 21.72 12.37 7.10
N ASN B 52 22.90 12.97 6.89
CA ASN B 52 24.15 12.24 6.96
C ASN B 52 24.73 12.46 8.34
N PRO B 53 24.88 11.43 9.17
CA PRO B 53 25.39 11.65 10.54
C PRO B 53 26.81 12.17 10.60
N ASN B 54 27.61 11.95 9.55
CA ASN B 54 29.00 12.44 9.55
C ASN B 54 29.05 13.96 9.59
N TYR B 55 28.15 14.62 8.86
CA TYR B 55 28.16 16.06 8.70
C TYR B 55 26.97 16.76 9.33
N GLU B 56 25.90 16.02 9.67
CA GLU B 56 24.60 16.57 10.03
C GLU B 56 24.04 17.41 8.89
N SER B 57 24.41 17.08 7.64
CA SER B 57 23.87 17.71 6.46
C SER B 57 22.59 16.96 6.08
N THR B 58 21.69 17.67 5.42
CA THR B 58 20.35 17.16 5.18
C THR B 58 19.96 17.40 3.74
N GLY B 59 18.98 16.60 3.30
CA GLY B 59 18.22 16.88 2.11
C GLY B 59 16.74 16.65 2.38
N TYR B 60 15.91 17.48 1.75
CA TYR B 60 14.48 17.42 2.01
C TYR B 60 13.67 17.36 0.73
N ASN B 61 12.55 16.65 0.79
CA ASN B 61 11.51 16.76 -0.23
C ASN B 61 10.92 18.18 -0.18
N GLN B 62 10.95 18.89 -1.30
CA GLN B 62 10.48 20.27 -1.31
C GLN B 62 9.01 20.40 -0.97
N LYS B 63 8.21 19.34 -1.13
CA LYS B 63 6.78 19.40 -0.88
C LYS B 63 6.47 19.73 0.57
N PHE B 64 7.39 19.46 1.49
CA PHE B 64 7.16 19.75 2.89
C PHE B 64 7.44 21.20 3.26
N LYS B 65 8.08 21.98 2.39
CA LYS B 65 8.17 23.44 2.55
C LYS B 65 8.89 23.85 3.82
N GLY B 66 10.01 23.20 4.11
CA GLY B 66 10.77 23.51 5.29
C GLY B 66 10.13 23.10 6.62
N ARG B 67 8.95 22.51 6.62
CA ARG B 67 8.33 22.10 7.87
C ARG B 67 9.03 20.94 8.55
N ALA B 68 9.84 20.15 7.81
CA ALA B 68 10.55 19.02 8.37
C ALA B 68 11.99 19.41 8.71
N THR B 69 12.44 19.04 9.90
CA THR B 69 13.79 19.26 10.39
C THR B 69 14.35 17.94 10.90
N MET B 70 15.44 17.49 10.30
CA MET B 70 16.14 16.28 10.73
C MET B 70 17.43 16.61 11.48
N THR B 71 17.67 15.89 12.58
CA THR B 71 18.86 16.02 13.41
C THR B 71 19.31 14.60 13.79
N VAL B 72 20.52 14.51 14.32
CA VAL B 72 21.03 13.26 14.87
C VAL B 72 21.70 13.55 16.20
N ASP B 73 21.80 12.51 17.02
CA ASP B 73 22.63 12.50 18.24
C ASP B 73 23.52 11.25 18.13
N LYS B 74 24.74 11.43 17.60
CA LYS B 74 25.63 10.30 17.36
C LYS B 74 25.97 9.55 18.63
N SER B 75 26.03 10.25 19.78
CA SER B 75 26.42 9.61 21.03
C SER B 75 25.49 8.44 21.41
N ILE B 76 24.24 8.49 20.97
CA ILE B 76 23.26 7.45 21.26
C ILE B 76 22.72 6.80 19.99
N SER B 77 23.36 7.05 18.85
CA SER B 77 22.98 6.44 17.58
C SER B 77 21.51 6.68 17.25
N THR B 78 21.04 7.91 17.45
CA THR B 78 19.63 8.23 17.24
C THR B 78 19.45 9.37 16.24
N ALA B 79 18.48 9.21 15.37
CA ALA B 79 18.08 10.23 14.42
C ALA B 79 16.70 10.72 14.82
N TYR B 80 16.43 12.00 14.53
CA TYR B 80 15.16 12.61 14.86
C TYR B 80 14.56 13.30 13.65
N MET B 81 13.24 13.27 13.55
CA MET B 81 12.49 14.00 12.54
C MET B 81 11.47 14.84 13.28
N GLU B 82 11.53 16.14 13.07
CA GLU B 82 10.59 17.08 13.64
C GLU B 82 9.78 17.69 12.50
N LEU B 83 8.47 17.55 12.55
CA LEU B 83 7.56 18.14 11.56
C LEU B 83 6.71 19.20 12.25
N SER B 84 6.82 20.45 11.80
CA SER B 84 6.12 21.58 12.40
C SER B 84 4.92 22.02 11.56
N SER B 85 4.13 22.92 12.13
CA SER B 85 2.92 23.45 11.53
C SER B 85 2.00 22.32 11.03
N LEU B 86 1.71 21.38 11.91
CA LEU B 86 1.02 20.16 11.50
C LEU B 86 -0.40 20.43 11.03
N ARG B 87 -0.82 19.71 10.00
CA ARG B 87 -2.16 19.72 9.43
C ARG B 87 -2.76 18.32 9.60
N SER B 88 -4.08 18.21 9.47
CA SER B 88 -4.71 16.89 9.56
C SER B 88 -4.20 15.97 8.44
N GLU B 89 -3.83 16.54 7.28
CA GLU B 89 -3.27 15.74 6.20
C GLU B 89 -1.91 15.13 6.57
N ASP B 90 -1.23 15.65 7.60
CA ASP B 90 -0.03 15.00 8.09
C ASP B 90 -0.30 13.73 8.92
N THR B 91 -1.56 13.36 9.14
CA THR B 91 -1.85 12.10 9.85
C THR B 91 -1.32 10.94 9.02
N ALA B 92 -0.43 10.15 9.60
CA ALA B 92 0.24 9.10 8.86
C ALA B 92 1.10 8.23 9.77
N VAL B 93 1.57 7.14 9.22
CA VAL B 93 2.61 6.39 9.87
C VAL B 93 3.94 6.89 9.31
N TYR B 94 4.85 7.25 10.22
CA TYR B 94 6.16 7.78 9.87
C TYR B 94 7.21 6.70 10.09
N TYR B 95 8.08 6.47 9.11
CA TYR B 95 9.13 5.47 9.24
C TYR B 95 10.49 6.11 9.11
N CYS B 96 11.44 5.66 9.92
CA CYS B 96 12.84 5.81 9.57
C CYS B 96 13.25 4.60 8.71
N ALA B 97 14.10 4.87 7.75
CA ALA B 97 14.53 3.82 6.84
C ALA B 97 15.98 4.07 6.48
N ARG B 98 16.77 3.00 6.37
CA ARG B 98 18.21 3.11 6.15
C ARG B 98 18.58 2.37 4.86
N GLU B 99 19.31 3.09 4.00
CA GLU B 99 19.82 2.60 2.75
C GLU B 99 20.82 1.45 2.92
N ASP B 100 20.99 0.71 1.86
CA ASP B 100 22.15 -0.18 1.72
C ASP B 100 23.04 0.47 0.65
N ASP B 101 24.06 -0.28 0.19
CA ASP B 101 25.06 0.27 -0.73
C ASP B 101 24.53 0.40 -2.15
N HIS B 102 23.33 -0.13 -2.39
CA HIS B 102 22.60 0.06 -3.65
C HIS B 102 21.61 1.21 -3.60
N ASP B 103 21.57 1.95 -2.49
CA ASP B 103 20.64 3.07 -2.27
C ASP B 103 19.19 2.59 -2.24
N ALA B 104 18.98 1.32 -1.90
CA ALA B 104 17.65 0.80 -1.58
C ALA B 104 17.41 0.81 -0.08
N PHE B 105 16.13 0.93 0.36
CA PHE B 105 15.80 0.97 1.80
C PHE B 105 15.78 -0.45 2.35
N ALA B 106 16.94 -0.94 2.76
CA ALA B 106 17.06 -2.32 3.21
C ALA B 106 16.52 -2.53 4.60
N TYR B 107 16.54 -1.49 5.44
CA TYR B 107 16.13 -1.60 6.84
C TYR B 107 15.11 -0.52 7.17
N TRP B 108 14.04 -0.90 7.90
CA TRP B 108 13.01 0.06 8.26
C TRP B 108 12.71 -0.02 9.75
N GLY B 109 12.39 1.10 10.35
CA GLY B 109 11.81 1.08 11.70
C GLY B 109 10.39 0.53 11.64
N GLN B 110 9.82 0.31 12.83
CA GLN B 110 8.51 -0.31 12.92
C GLN B 110 7.38 0.62 12.52
N GLY B 111 7.65 1.92 12.47
CA GLY B 111 6.66 2.94 12.19
C GLY B 111 6.14 3.58 13.46
N THR B 112 5.79 4.86 13.33
CA THR B 112 5.22 5.67 14.40
C THR B 112 3.94 6.32 13.85
N LEU B 113 2.81 6.02 14.48
CA LEU B 113 1.56 6.68 14.13
C LEU B 113 1.52 8.09 14.70
N VAL B 114 1.28 9.07 13.85
CA VAL B 114 1.05 10.45 14.25
C VAL B 114 -0.34 10.82 13.77
N THR B 115 -1.20 11.21 14.70
CA THR B 115 -2.57 11.59 14.39
C THR B 115 -2.69 13.07 14.66
N VAL B 116 -3.14 13.82 13.67
CA VAL B 116 -3.23 15.27 13.77
C VAL B 116 -4.71 15.63 13.66
N SER B 117 -5.27 16.18 14.73
CA SER B 117 -6.71 16.40 14.76
C SER B 117 -7.05 17.35 15.89
N SER B 118 -8.17 18.07 15.73
CA SER B 118 -8.71 18.87 16.82
C SER B 118 -9.44 18.05 17.85
N ALA B 119 -9.71 16.77 17.59
CA ALA B 119 -10.40 15.92 18.56
C ALA B 119 -9.52 15.73 19.80
N SER B 120 -10.18 15.49 20.93
CA SER B 120 -9.49 15.12 22.15
C SER B 120 -9.62 13.63 22.42
N THR B 121 -8.62 13.07 23.11
CA THR B 121 -8.57 11.64 23.40
C THR B 121 -9.79 11.22 24.20
N LYS B 122 -10.46 10.16 23.75
CA LYS B 122 -11.72 9.70 24.30
C LYS B 122 -11.82 8.18 24.12
N GLY B 123 -12.30 7.51 25.15
CA GLY B 123 -12.53 6.08 25.09
C GLY B 123 -13.85 5.75 24.39
N PRO B 124 -13.98 4.53 23.88
CA PRO B 124 -15.18 4.20 23.11
C PRO B 124 -16.39 3.88 23.99
N SER B 125 -17.55 4.09 23.41
CA SER B 125 -18.77 3.45 23.88
C SER B 125 -18.91 2.14 23.12
N VAL B 126 -19.39 1.10 23.79
CA VAL B 126 -19.44 -0.24 23.21
C VAL B 126 -20.89 -0.73 23.32
N PHE B 127 -21.47 -1.08 22.19
CA PHE B 127 -22.86 -1.47 22.14
C PHE B 127 -22.97 -2.86 21.52
N PRO B 128 -23.91 -3.68 21.98
CA PRO B 128 -24.05 -5.02 21.40
C PRO B 128 -24.72 -4.99 20.04
N LEU B 129 -24.32 -5.93 19.19
CA LEU B 129 -24.98 -6.27 17.93
C LEU B 129 -25.58 -7.65 18.17
N ALA B 130 -26.81 -7.67 18.67
CA ALA B 130 -27.36 -8.89 19.26
C ALA B 130 -27.73 -9.90 18.17
N PRO B 131 -27.48 -11.19 18.38
CA PRO B 131 -27.99 -12.17 17.42
C PRO B 131 -29.50 -12.20 17.43
N SER B 132 -30.07 -12.52 16.28
CA SER B 132 -31.51 -12.60 16.13
C SER B 132 -31.81 -13.41 14.87
N SER B 133 -33.12 -13.52 14.56
CA SER B 133 -33.53 -14.20 13.33
C SER B 133 -33.02 -13.49 12.09
N LYS B 134 -32.65 -12.20 12.21
CA LYS B 134 -32.12 -11.42 11.10
C LYS B 134 -30.61 -11.56 10.93
N SER B 135 -29.95 -12.27 11.84
CA SER B 135 -28.52 -12.52 11.70
C SER B 135 -28.20 -14.00 11.70
N THR B 136 -29.16 -14.85 11.37
CA THR B 136 -28.99 -16.30 11.40
C THR B 136 -29.05 -16.85 9.96
N SER B 137 -28.20 -17.82 9.67
CA SER B 137 -28.25 -18.57 8.42
C SER B 137 -27.89 -20.02 8.72
N GLY B 138 -28.76 -20.93 8.35
CA GLY B 138 -28.51 -22.31 8.70
C GLY B 138 -28.57 -22.45 10.22
N GLY B 139 -27.57 -23.13 10.77
CA GLY B 139 -27.45 -23.31 12.19
C GLY B 139 -26.50 -22.33 12.82
N THR B 140 -26.11 -21.28 12.10
CA THR B 140 -25.14 -20.31 12.56
C THR B 140 -25.81 -18.96 12.81
N ALA B 141 -25.27 -18.21 13.78
CA ALA B 141 -25.78 -16.87 14.12
C ALA B 141 -24.60 -15.91 14.20
N ALA B 142 -24.79 -14.72 13.62
CA ALA B 142 -23.79 -13.67 13.73
C ALA B 142 -24.17 -12.71 14.84
N LEU B 143 -23.16 -12.26 15.58
CA LEU B 143 -23.35 -11.32 16.68
C LEU B 143 -22.11 -10.43 16.71
N GLY B 144 -22.16 -9.33 17.44
CA GLY B 144 -20.99 -8.47 17.41
C GLY B 144 -21.04 -7.37 18.46
N CYS B 145 -20.08 -6.46 18.35
CA CYS B 145 -19.96 -5.26 19.16
C CYS B 145 -19.69 -4.09 18.26
N LEU B 146 -20.41 -2.99 18.48
CA LEU B 146 -20.15 -1.72 17.83
C LEU B 146 -19.33 -0.89 18.79
N VAL B 147 -18.13 -0.48 18.37
CA VAL B 147 -17.18 0.26 19.19
C VAL B 147 -17.17 1.66 18.63
N LYS B 148 -17.82 2.59 19.30
CA LYS B 148 -18.17 3.88 18.71
C LYS B 148 -17.54 5.06 19.44
N ASP B 149 -17.21 6.08 18.68
CA ASP B 149 -16.85 7.40 19.19
C ASP B 149 -15.62 7.35 20.10
N TYR B 150 -14.51 6.87 19.55
CA TYR B 150 -13.25 6.93 20.26
C TYR B 150 -12.21 7.74 19.46
N PHE B 151 -11.13 8.15 20.12
CA PHE B 151 -10.08 8.89 19.44
C PHE B 151 -8.82 8.83 20.30
N PRO B 152 -7.63 8.65 19.75
CA PRO B 152 -7.31 8.31 18.35
C PRO B 152 -7.38 6.81 18.12
N GLU B 153 -7.01 6.35 16.95
CA GLU B 153 -6.69 4.95 16.75
C GLU B 153 -5.48 4.57 17.61
N PRO B 154 -5.31 3.27 17.90
CA PRO B 154 -6.15 2.09 17.58
C PRO B 154 -6.93 1.60 18.76
N VAL B 155 -7.92 0.74 18.52
CA VAL B 155 -8.55 -0.07 19.54
C VAL B 155 -8.21 -1.51 19.18
N THR B 156 -8.20 -2.38 20.18
CA THR B 156 -8.10 -3.82 19.96
C THR B 156 -9.36 -4.46 20.52
N VAL B 157 -9.93 -5.40 19.77
CA VAL B 157 -11.14 -6.12 20.19
C VAL B 157 -10.81 -7.59 20.21
N SER B 158 -11.17 -8.26 21.29
CA SER B 158 -11.06 -9.70 21.40
C SER B 158 -12.40 -10.21 21.89
N TRP B 159 -12.62 -11.51 21.75
CA TRP B 159 -13.85 -12.15 22.18
C TRP B 159 -13.57 -13.23 23.23
N ASN B 160 -14.32 -13.20 24.32
CA ASN B 160 -14.17 -14.13 25.43
C ASN B 160 -12.71 -14.19 25.90
N SER B 161 -12.11 -13.01 26.04
CA SER B 161 -10.73 -12.84 26.49
C SER B 161 -9.73 -13.56 25.58
N GLY B 162 -10.03 -13.60 24.28
CA GLY B 162 -9.19 -14.29 23.33
C GLY B 162 -9.44 -15.77 23.20
N ALA B 163 -10.39 -16.33 23.95
CA ALA B 163 -10.73 -17.75 23.82
C ALA B 163 -11.57 -18.07 22.59
N LEU B 164 -12.02 -17.05 21.83
CA LEU B 164 -12.82 -17.24 20.63
C LEU B 164 -12.18 -16.46 19.50
N THR B 165 -11.72 -17.18 18.47
CA THR B 165 -11.00 -16.53 17.37
C THR B 165 -11.53 -16.91 15.98
N SER B 166 -12.00 -18.14 15.83
CA SER B 166 -12.53 -18.59 14.55
C SER B 166 -13.81 -17.84 14.22
N GLY B 167 -13.91 -17.40 12.97
CA GLY B 167 -15.09 -16.71 12.51
C GLY B 167 -15.18 -15.23 12.89
N VAL B 168 -14.17 -14.68 13.55
CA VAL B 168 -14.19 -13.28 13.95
C VAL B 168 -13.81 -12.43 12.74
N HIS B 169 -14.53 -11.32 12.56
CA HIS B 169 -14.19 -10.28 11.60
C HIS B 169 -14.24 -8.95 12.32
N THR B 170 -13.10 -8.29 12.45
CA THR B 170 -13.02 -6.96 13.02
C THR B 170 -12.70 -6.00 11.87
N PHE B 171 -13.63 -5.09 11.63
CA PHE B 171 -13.51 -4.22 10.47
C PHE B 171 -12.57 -3.05 10.73
N PRO B 172 -12.00 -2.46 9.65
CA PRO B 172 -11.22 -1.24 9.84
C PRO B 172 -12.12 -0.16 10.41
N ALA B 173 -11.54 0.69 11.23
CA ALA B 173 -12.26 1.85 11.72
C ALA B 173 -12.60 2.78 10.59
N VAL B 174 -13.72 3.51 10.75
CA VAL B 174 -14.06 4.63 9.90
C VAL B 174 -13.99 5.89 10.75
N LEU B 175 -13.55 6.98 10.14
CA LEU B 175 -13.56 8.30 10.76
C LEU B 175 -14.89 8.99 10.46
N GLN B 176 -15.61 9.34 11.50
CA GLN B 176 -16.91 9.99 11.41
C GLN B 176 -16.73 11.51 11.26
N SER B 177 -17.82 12.17 10.89
CA SER B 177 -17.75 13.62 10.70
C SER B 177 -17.49 14.35 12.01
N SER B 178 -17.78 13.70 13.14
CA SER B 178 -17.45 14.28 14.45
C SER B 178 -15.94 14.33 14.73
N GLY B 179 -15.12 13.64 13.93
CA GLY B 179 -13.71 13.51 14.15
C GLY B 179 -13.35 12.34 15.05
N LEU B 180 -14.33 11.55 15.47
CA LEU B 180 -14.11 10.35 16.27
C LEU B 180 -14.26 9.11 15.39
N TYR B 181 -13.60 8.03 15.81
CA TYR B 181 -13.60 6.79 15.04
C TYR B 181 -14.73 5.87 15.51
N SER B 182 -15.10 4.91 14.65
CA SER B 182 -16.06 3.86 14.95
C SER B 182 -15.65 2.58 14.22
N LEU B 183 -15.80 1.44 14.88
CA LEU B 183 -15.65 0.19 14.17
C LEU B 183 -16.57 -0.85 14.76
N SER B 184 -16.76 -1.95 14.01
CA SER B 184 -17.51 -3.10 14.47
C SER B 184 -16.65 -4.36 14.41
N SER B 185 -16.91 -5.25 15.36
CA SER B 185 -16.36 -6.60 15.37
C SER B 185 -17.52 -7.59 15.43
N VAL B 186 -17.48 -8.62 14.60
CA VAL B 186 -18.57 -9.58 14.53
C VAL B 186 -17.96 -10.98 14.58
N VAL B 187 -18.75 -11.92 15.04
CA VAL B 187 -18.36 -13.31 15.09
C VAL B 187 -19.58 -14.15 14.71
N THR B 188 -19.32 -15.29 14.08
CA THR B 188 -20.35 -16.25 13.74
C THR B 188 -20.18 -17.46 14.64
N VAL B 189 -21.27 -17.91 15.24
CA VAL B 189 -21.29 -19.00 16.22
C VAL B 189 -22.48 -19.91 15.95
N PRO B 190 -22.50 -21.10 16.55
CA PRO B 190 -23.66 -21.98 16.35
C PRO B 190 -24.88 -21.42 17.06
N SER B 191 -26.02 -21.46 16.38
CA SER B 191 -27.28 -20.98 16.97
C SER B 191 -27.64 -21.75 18.23
N SER B 192 -27.30 -23.04 18.28
CA SER B 192 -27.58 -23.85 19.47
C SER B 192 -26.80 -23.40 20.69
N SER B 193 -25.68 -22.69 20.51
CA SER B 193 -24.88 -22.24 21.63
C SER B 193 -25.41 -20.97 22.29
N LEU B 194 -26.38 -20.29 21.67
CA LEU B 194 -26.76 -18.97 22.14
C LEU B 194 -27.46 -19.01 23.50
N GLY B 195 -28.08 -20.15 23.84
CA GLY B 195 -28.74 -20.27 25.11
C GLY B 195 -27.88 -20.70 26.28
N THR B 196 -26.65 -21.14 26.01
CA THR B 196 -25.78 -21.70 27.02
C THR B 196 -24.43 -21.01 27.09
N GLN B 197 -23.84 -20.65 25.95
CA GLN B 197 -22.53 -20.04 25.90
C GLN B 197 -22.68 -18.52 25.99
N THR B 198 -21.91 -17.90 26.87
CA THR B 198 -21.86 -16.44 26.95
C THR B 198 -20.81 -15.94 25.97
N TYR B 199 -21.09 -14.77 25.37
CA TYR B 199 -20.17 -14.11 24.43
C TYR B 199 -19.93 -12.69 24.89
N ILE B 200 -18.68 -12.36 25.15
CA ILE B 200 -18.26 -11.07 25.62
C ILE B 200 -17.21 -10.55 24.65
N CYS B 201 -17.36 -9.30 24.24
CA CYS B 201 -16.31 -8.64 23.47
C CYS B 201 -15.52 -7.77 24.43
N ASN B 202 -14.20 -7.86 24.35
CA ASN B 202 -13.26 -7.12 25.18
C ASN B 202 -12.61 -6.04 24.33
N VAL B 203 -12.85 -4.79 24.69
CA VAL B 203 -12.33 -3.65 23.94
C VAL B 203 -11.28 -2.96 24.78
N ASN B 204 -10.10 -2.77 24.23
CA ASN B 204 -8.97 -2.12 24.90
C ASN B 204 -8.58 -0.91 24.05
N HIS B 205 -8.62 0.27 24.65
CA HIS B 205 -8.22 1.50 23.97
C HIS B 205 -7.07 2.12 24.76
N LYS B 206 -5.84 1.79 24.38
CA LYS B 206 -4.67 2.21 25.15
C LYS B 206 -4.52 3.73 25.20
N PRO B 207 -4.82 4.52 24.15
CA PRO B 207 -4.63 5.98 24.26
C PRO B 207 -5.44 6.64 25.36
N SER B 208 -6.64 6.13 25.66
CA SER B 208 -7.40 6.65 26.79
C SER B 208 -7.28 5.81 28.04
N ASN B 209 -6.46 4.76 28.02
CA ASN B 209 -6.30 3.84 29.15
C ASN B 209 -7.64 3.24 29.58
N THR B 210 -8.47 2.89 28.60
CA THR B 210 -9.80 2.35 28.82
C THR B 210 -9.88 0.88 28.41
N LYS B 211 -10.58 0.09 29.21
CA LYS B 211 -10.96 -1.28 28.87
C LYS B 211 -12.44 -1.46 29.18
N VAL B 212 -13.19 -1.96 28.21
CA VAL B 212 -14.62 -2.20 28.32
C VAL B 212 -14.89 -3.65 27.95
N ASP B 213 -15.72 -4.33 28.72
CA ASP B 213 -16.22 -5.66 28.42
C ASP B 213 -17.72 -5.58 28.27
N LYS B 214 -18.26 -6.14 27.18
CA LYS B 214 -19.68 -6.07 26.90
C LYS B 214 -20.19 -7.48 26.60
N LYS B 215 -21.18 -7.93 27.37
CA LYS B 215 -21.87 -9.17 27.06
C LYS B 215 -22.86 -8.92 25.93
N VAL B 216 -22.89 -9.84 24.97
CA VAL B 216 -23.77 -9.76 23.81
C VAL B 216 -24.70 -10.97 23.87
N GLU B 217 -25.98 -10.72 23.99
CA GLU B 217 -26.99 -11.75 24.18
C GLU B 217 -28.20 -11.48 23.29
N PRO B 218 -28.99 -12.51 22.99
CA PRO B 218 -30.20 -12.26 22.19
C PRO B 218 -31.18 -11.40 22.97
N LYS B 219 -31.90 -10.56 22.24
CA LYS B 219 -32.99 -9.76 22.82
C LYS B 219 -34.21 -10.63 23.10
N GLN C 1 -28.80 2.64 -23.60
CA GLN C 1 -29.69 1.58 -24.13
C GLN C 1 -28.87 0.57 -24.94
N VAL C 2 -28.55 -0.55 -24.29
CA VAL C 2 -27.73 -1.59 -24.89
C VAL C 2 -28.63 -2.76 -25.24
N GLN C 3 -28.40 -3.34 -26.42
CA GLN C 3 -29.08 -4.56 -26.84
C GLN C 3 -28.06 -5.69 -26.83
N LEU C 4 -28.39 -6.79 -26.18
CA LEU C 4 -27.56 -7.97 -26.12
C LEU C 4 -28.27 -9.13 -26.79
N GLN C 5 -27.53 -9.95 -27.52
CA GLN C 5 -28.12 -11.11 -28.18
C GLN C 5 -27.17 -12.28 -28.05
N GLU C 6 -27.62 -13.35 -27.40
CA GLU C 6 -26.84 -14.58 -27.31
C GLU C 6 -27.09 -15.46 -28.53
N SER C 7 -26.09 -16.26 -28.90
CA SER C 7 -26.23 -17.31 -29.88
C SER C 7 -25.31 -18.48 -29.51
N GLY C 8 -25.50 -19.60 -30.17
CA GLY C 8 -24.64 -20.75 -29.96
C GLY C 8 -25.32 -21.95 -29.31
N GLY C 9 -26.52 -21.79 -28.80
CA GLY C 9 -27.20 -22.90 -28.16
C GLY C 9 -27.48 -24.05 -29.10
N GLY C 10 -27.79 -25.20 -28.51
CA GLY C 10 -28.04 -26.41 -29.27
C GLY C 10 -28.08 -27.62 -28.36
N LEU C 11 -28.10 -28.79 -28.99
CA LEU C 11 -28.16 -30.07 -28.30
C LEU C 11 -26.79 -30.71 -28.39
N VAL C 12 -26.18 -30.98 -27.26
CA VAL C 12 -24.85 -31.55 -27.14
C VAL C 12 -24.95 -32.78 -26.24
N GLN C 13 -24.12 -33.75 -26.48
CA GLN C 13 -24.19 -34.92 -25.62
C GLN C 13 -23.31 -34.73 -24.38
N PRO C 14 -23.49 -35.53 -23.33
CA PRO C 14 -22.65 -35.37 -22.13
C PRO C 14 -21.19 -35.62 -22.47
N GLY C 15 -20.32 -34.82 -21.87
CA GLY C 15 -18.93 -34.82 -22.21
C GLY C 15 -18.56 -33.93 -23.38
N GLY C 16 -19.55 -33.35 -24.05
CA GLY C 16 -19.31 -32.54 -25.23
C GLY C 16 -18.88 -31.13 -24.91
N SER C 17 -18.69 -30.35 -25.98
CA SER C 17 -18.21 -28.97 -25.86
C SER C 17 -19.10 -28.10 -26.72
N LEU C 18 -19.12 -26.81 -26.41
CA LEU C 18 -19.98 -25.84 -27.04
C LEU C 18 -19.47 -24.44 -26.70
N ARG C 19 -19.58 -23.51 -27.64
CA ARG C 19 -19.20 -22.12 -27.46
C ARG C 19 -20.40 -21.20 -27.72
N LEU C 20 -20.75 -20.39 -26.73
CA LEU C 20 -21.78 -19.39 -26.85
C LEU C 20 -21.15 -18.04 -27.12
N SER C 21 -21.91 -17.18 -27.80
CA SER C 21 -21.51 -15.82 -28.13
C SER C 21 -22.55 -14.86 -27.56
N CYS C 22 -22.15 -13.63 -27.24
CA CYS C 22 -23.10 -12.59 -26.85
C CYS C 22 -22.63 -11.29 -27.48
N ALA C 23 -23.36 -10.80 -28.46
CA ALA C 23 -23.02 -9.60 -29.20
C ALA C 23 -23.83 -8.44 -28.66
N ALA C 24 -23.17 -7.30 -28.49
CA ALA C 24 -23.79 -6.08 -27.96
C ALA C 24 -23.89 -5.04 -29.06
N SER C 25 -25.00 -4.29 -29.06
CA SER C 25 -25.16 -3.13 -29.91
C SER C 25 -25.66 -1.94 -29.09
N GLY C 26 -25.56 -0.74 -29.67
CA GLY C 26 -26.03 0.46 -29.03
C GLY C 26 -25.11 1.06 -27.97
N ARG C 27 -23.93 0.49 -27.77
CA ARG C 27 -22.95 0.96 -26.80
C ARG C 27 -21.69 0.13 -26.98
N THR C 28 -20.51 0.73 -26.83
CA THR C 28 -19.26 -0.03 -26.80
C THR C 28 -19.09 -0.60 -25.40
N ILE C 29 -18.87 -1.90 -25.30
CA ILE C 29 -18.86 -2.58 -24.01
C ILE C 29 -17.47 -2.71 -23.43
N SER C 30 -16.44 -2.20 -24.11
CA SER C 30 -15.06 -2.42 -23.65
C SER C 30 -14.81 -1.88 -22.24
N ARG C 31 -15.58 -0.88 -21.77
CA ARG C 31 -15.43 -0.37 -20.42
C ARG C 31 -16.17 -1.15 -19.35
N TYR C 32 -16.95 -2.16 -19.72
CA TYR C 32 -17.88 -2.81 -18.80
C TYR C 32 -17.57 -4.29 -18.67
N ALA C 33 -17.79 -4.81 -17.48
CA ALA C 33 -17.81 -6.25 -17.28
C ALA C 33 -19.06 -6.88 -17.89
N MET C 34 -18.90 -8.09 -18.39
CA MET C 34 -19.98 -8.86 -18.97
C MET C 34 -20.03 -10.21 -18.26
N SER C 35 -21.23 -10.60 -17.85
CA SER C 35 -21.42 -11.82 -17.08
C SER C 35 -22.33 -12.80 -17.83
N TRP C 36 -22.13 -14.07 -17.56
CA TRP C 36 -23.02 -15.14 -18.00
C TRP C 36 -23.74 -15.69 -16.79
N PHE C 37 -25.03 -15.89 -16.96
CA PHE C 37 -25.93 -16.48 -15.99
C PHE C 37 -26.64 -17.64 -16.69
N ARG C 38 -27.23 -18.52 -15.91
CA ARG C 38 -28.04 -19.58 -16.49
C ARG C 38 -29.22 -19.91 -15.61
N GLN C 39 -30.27 -20.42 -16.22
CA GLN C 39 -31.47 -20.78 -15.50
C GLN C 39 -32.03 -22.05 -16.10
N ALA C 40 -32.08 -23.07 -15.32
CA ALA C 40 -32.74 -24.33 -15.67
C ALA C 40 -34.19 -24.32 -15.20
N PRO C 41 -35.05 -25.16 -15.76
CA PRO C 41 -36.49 -25.05 -15.45
C PRO C 41 -36.77 -25.40 -14.00
N GLY C 42 -37.57 -24.56 -13.34
CA GLY C 42 -37.87 -24.76 -11.93
C GLY C 42 -36.74 -24.45 -10.95
N LYS C 43 -35.70 -23.78 -11.41
CA LYS C 43 -34.58 -23.44 -10.56
C LYS C 43 -34.31 -21.94 -10.64
N GLU C 44 -33.57 -21.44 -9.65
CA GLU C 44 -33.20 -20.03 -9.61
C GLU C 44 -32.10 -19.74 -10.62
N ARG C 45 -32.06 -18.49 -11.08
CA ARG C 45 -31.03 -18.06 -11.99
C ARG C 45 -29.69 -18.08 -11.27
N GLU C 46 -28.68 -18.65 -11.90
CA GLU C 46 -27.39 -18.92 -11.28
C GLU C 46 -26.27 -18.16 -12.00
N PHE C 47 -25.35 -17.61 -11.24
CA PHE C 47 -24.16 -17.01 -11.82
C PHE C 47 -23.27 -18.11 -12.41
N VAL C 48 -22.68 -17.82 -13.56
CA VAL C 48 -21.74 -18.71 -14.25
C VAL C 48 -20.32 -18.11 -14.27
N ALA C 49 -20.16 -16.93 -14.85
CA ALA C 49 -18.83 -16.37 -15.06
C ALA C 49 -18.93 -14.87 -15.34
N VAL C 50 -17.85 -14.16 -15.06
CA VAL C 50 -17.75 -12.74 -15.41
C VAL C 50 -16.41 -12.50 -16.11
N ALA C 51 -16.45 -11.76 -17.21
CA ALA C 51 -15.24 -11.24 -17.84
C ALA C 51 -15.23 -9.74 -17.56
N ARG C 52 -14.34 -9.29 -16.68
CA ARG C 52 -14.18 -7.87 -16.44
C ARG C 52 -13.48 -7.25 -17.66
N ARG C 53 -13.14 -5.98 -17.58
CA ARG C 53 -12.38 -5.34 -18.64
C ARG C 53 -11.10 -6.11 -18.91
N SER C 54 -10.68 -6.11 -20.16
CA SER C 54 -9.42 -6.72 -20.56
C SER C 54 -8.29 -6.26 -19.65
N GLY C 55 -7.71 -7.23 -18.94
CA GLY C 55 -6.66 -6.98 -17.99
C GLY C 55 -7.11 -7.02 -16.53
N ASP C 56 -8.41 -7.06 -16.29
CA ASP C 56 -8.96 -7.07 -14.93
C ASP C 56 -9.43 -8.48 -14.49
N GLY C 57 -9.37 -9.45 -15.37
CA GLY C 57 -9.56 -10.83 -14.97
C GLY C 57 -10.95 -11.42 -15.27
N ALA C 58 -11.01 -12.71 -15.16
CA ALA C 58 -12.24 -13.46 -15.32
C ALA C 58 -12.45 -14.33 -14.09
N PHE C 59 -13.70 -14.45 -13.64
CA PHE C 59 -13.99 -15.13 -12.40
C PHE C 59 -15.16 -16.04 -12.63
N TYR C 60 -15.19 -17.16 -11.89
CA TYR C 60 -16.12 -18.26 -12.19
C TYR C 60 -16.86 -18.76 -10.94
N ALA C 61 -18.06 -19.30 -11.14
CA ALA C 61 -18.75 -20.09 -10.12
C ALA C 61 -18.07 -21.42 -9.89
N ASP C 62 -18.17 -21.92 -8.66
CA ASP C 62 -17.67 -23.25 -8.30
C ASP C 62 -18.18 -24.34 -9.24
N SER C 63 -19.45 -24.25 -9.64
CA SER C 63 -20.08 -25.31 -10.40
C SER C 63 -19.49 -25.49 -11.80
N VAL C 64 -18.82 -24.46 -12.34
CA VAL C 64 -18.28 -24.51 -13.70
C VAL C 64 -16.77 -24.32 -13.74
N GLN C 65 -16.15 -24.05 -12.62
CA GLN C 65 -14.71 -23.82 -12.60
C GLN C 65 -13.97 -25.00 -13.22
N GLY C 66 -13.05 -24.70 -14.12
CA GLY C 66 -12.24 -25.73 -14.77
C GLY C 66 -12.80 -26.18 -16.09
N ARG C 67 -14.10 -26.07 -16.28
CA ARG C 67 -14.78 -26.57 -17.46
C ARG C 67 -15.17 -25.47 -18.41
N PHE C 68 -15.55 -24.29 -17.89
CA PHE C 68 -16.02 -23.18 -18.70
C PHE C 68 -14.97 -22.07 -18.73
N THR C 69 -14.89 -21.37 -19.85
CA THR C 69 -13.96 -20.28 -20.06
C THR C 69 -14.70 -19.09 -20.67
N VAL C 70 -14.54 -17.92 -20.08
CA VAL C 70 -15.15 -16.71 -20.61
C VAL C 70 -14.02 -15.88 -21.22
N SER C 71 -14.31 -15.23 -22.35
CA SER C 71 -13.36 -14.36 -23.02
C SER C 71 -14.13 -13.25 -23.75
N ARG C 72 -13.39 -12.23 -24.20
CA ARG C 72 -14.02 -11.11 -24.86
C ARG C 72 -13.22 -10.71 -26.10
N ASP C 73 -13.95 -10.21 -27.08
CA ASP C 73 -13.36 -9.61 -28.28
C ASP C 73 -13.90 -8.18 -28.35
N ASP C 74 -13.15 -7.21 -27.81
CA ASP C 74 -13.67 -5.87 -27.67
C ASP C 74 -13.86 -5.22 -29.04
N ALA C 75 -13.01 -5.55 -30.01
CA ALA C 75 -13.20 -5.00 -31.35
C ALA C 75 -14.53 -5.47 -31.97
N LYS C 76 -14.99 -6.67 -31.63
CA LYS C 76 -16.24 -7.19 -32.13
C LYS C 76 -17.42 -6.91 -31.21
N ASN C 77 -17.20 -6.25 -30.06
CA ASN C 77 -18.27 -5.93 -29.11
C ASN C 77 -18.98 -7.20 -28.63
N THR C 78 -18.19 -8.27 -28.49
CA THR C 78 -18.72 -9.60 -28.21
C THR C 78 -17.96 -10.22 -27.07
N VAL C 79 -18.67 -11.08 -26.29
CA VAL C 79 -18.09 -11.93 -25.28
C VAL C 79 -18.50 -13.37 -25.57
N TYR C 80 -17.69 -14.28 -25.08
CA TYR C 80 -17.85 -15.69 -25.42
C TYR C 80 -17.85 -16.50 -24.13
N LEU C 81 -18.52 -17.64 -24.16
CA LEU C 81 -18.44 -18.65 -23.12
C LEU C 81 -18.12 -19.99 -23.78
N GLN C 82 -16.91 -20.48 -23.59
CA GLN C 82 -16.49 -21.80 -24.04
C GLN C 82 -16.85 -22.79 -22.94
N MET C 83 -17.52 -23.86 -23.32
CA MET C 83 -18.01 -24.83 -22.36
C MET C 83 -17.46 -26.20 -22.74
N ASN C 84 -16.75 -26.84 -21.83
CA ASN C 84 -16.20 -28.19 -22.01
C ASN C 84 -16.75 -29.14 -20.97
N SER C 85 -16.57 -30.44 -21.24
CA SER C 85 -16.96 -31.52 -20.32
C SER C 85 -18.37 -31.32 -19.78
N LEU C 86 -19.31 -31.07 -20.69
CA LEU C 86 -20.67 -30.75 -20.27
C LEU C 86 -21.34 -31.94 -19.60
N LYS C 87 -22.18 -31.64 -18.63
CA LYS C 87 -22.98 -32.59 -17.86
C LYS C 87 -24.45 -32.34 -18.13
N PRO C 88 -25.33 -33.32 -17.88
CA PRO C 88 -26.77 -33.05 -18.06
C PRO C 88 -27.26 -31.90 -17.18
N GLU C 89 -26.68 -31.72 -16.00
CA GLU C 89 -27.11 -30.65 -15.12
C GLU C 89 -26.69 -29.27 -15.61
N ASP C 90 -25.84 -29.18 -16.63
CA ASP C 90 -25.58 -27.88 -17.29
C ASP C 90 -26.70 -27.43 -18.24
N THR C 91 -27.70 -28.27 -18.44
CA THR C 91 -28.83 -27.90 -19.27
C THR C 91 -29.53 -26.68 -18.66
N ALA C 92 -29.72 -25.64 -19.47
CA ALA C 92 -30.32 -24.41 -19.01
C ALA C 92 -30.42 -23.43 -20.17
N VAL C 93 -31.18 -22.35 -19.95
CA VAL C 93 -31.07 -21.17 -20.81
C VAL C 93 -29.90 -20.35 -20.28
N TYR C 94 -28.97 -19.98 -21.16
CA TYR C 94 -27.79 -19.19 -20.80
C TYR C 94 -27.97 -17.77 -21.24
N TYR C 95 -27.75 -16.83 -20.31
CA TYR C 95 -28.00 -15.41 -20.49
C TYR C 95 -26.70 -14.63 -20.31
N CYS C 96 -26.51 -13.62 -21.14
CA CYS C 96 -25.47 -12.64 -20.87
C CYS C 96 -26.08 -11.35 -20.34
N ALA C 97 -25.32 -10.68 -19.50
CA ALA C 97 -25.74 -9.42 -18.91
C ALA C 97 -24.54 -8.48 -18.82
N ILE C 98 -24.78 -7.19 -18.94
CA ILE C 98 -23.72 -6.20 -18.82
C ILE C 98 -23.80 -5.59 -17.43
N ASP C 99 -22.67 -5.46 -16.77
CA ASP C 99 -22.58 -4.73 -15.51
C ASP C 99 -22.40 -3.27 -15.86
N SER C 100 -23.44 -2.45 -15.64
CA SER C 100 -23.34 -1.03 -15.97
C SER C 100 -22.44 -0.24 -15.03
N ASP C 101 -21.99 -0.86 -13.92
CA ASP C 101 -21.11 -0.17 -12.99
C ASP C 101 -19.67 -0.42 -13.41
N THR C 102 -18.95 0.63 -13.85
CA THR C 102 -17.55 0.41 -14.24
C THR C 102 -16.69 -0.01 -13.04
N PHE C 103 -17.14 0.25 -11.81
CA PHE C 103 -16.44 -0.24 -10.62
C PHE C 103 -16.88 -1.65 -10.16
N TYR C 104 -17.69 -2.35 -10.94
CA TYR C 104 -17.86 -3.82 -10.86
C TYR C 104 -18.72 -4.29 -9.69
N SER C 105 -19.72 -3.52 -9.31
CA SER C 105 -20.57 -3.93 -8.20
C SER C 105 -21.71 -4.86 -8.64
N GLY C 106 -21.83 -5.13 -9.93
CA GLY C 106 -22.89 -5.99 -10.42
C GLY C 106 -24.24 -5.34 -10.67
N SER C 107 -24.21 -4.13 -11.24
CA SER C 107 -25.45 -3.45 -11.60
C SER C 107 -25.91 -3.95 -12.97
N TYR C 108 -26.58 -5.11 -12.97
CA TYR C 108 -26.95 -5.77 -14.21
C TYR C 108 -28.26 -5.18 -14.77
N ASP C 109 -28.11 -4.17 -15.60
CA ASP C 109 -29.23 -3.40 -16.09
C ASP C 109 -29.80 -3.91 -17.41
N TYR C 110 -28.98 -4.55 -18.24
CA TYR C 110 -29.41 -5.02 -19.54
C TYR C 110 -29.02 -6.48 -19.68
N TRP C 111 -29.95 -7.28 -20.20
CA TRP C 111 -29.84 -8.72 -20.35
C TRP C 111 -30.19 -9.14 -21.75
N GLY C 112 -29.62 -10.24 -22.19
CA GLY C 112 -30.10 -10.86 -23.41
C GLY C 112 -31.32 -11.73 -23.15
N GLN C 113 -31.95 -12.20 -24.24
CA GLN C 113 -33.09 -13.08 -24.10
C GLN C 113 -32.71 -14.52 -23.81
N GLY C 114 -31.47 -14.89 -24.04
CA GLY C 114 -30.97 -16.18 -23.67
C GLY C 114 -30.87 -17.11 -24.86
N THR C 115 -30.10 -18.20 -24.67
CA THR C 115 -29.95 -19.25 -25.68
C THR C 115 -30.00 -20.60 -24.96
N GLN C 116 -30.72 -21.56 -25.53
CA GLN C 116 -30.95 -22.84 -24.88
C GLN C 116 -29.76 -23.77 -25.13
N VAL C 117 -29.23 -24.35 -24.06
CA VAL C 117 -28.25 -25.44 -24.14
C VAL C 117 -28.83 -26.67 -23.45
N THR C 118 -28.94 -27.75 -24.19
CA THR C 118 -29.49 -28.97 -23.67
C THR C 118 -28.43 -30.05 -23.79
N VAL C 119 -28.07 -30.66 -22.67
CA VAL C 119 -27.05 -31.70 -22.61
C VAL C 119 -27.78 -33.02 -22.33
N SER C 120 -27.84 -33.87 -23.35
CA SER C 120 -28.64 -35.08 -23.32
C SER C 120 -28.08 -36.04 -24.35
N SER C 121 -28.31 -37.31 -24.13
CA SER C 121 -27.93 -38.31 -25.10
C SER C 121 -29.05 -38.56 -26.12
N GLU C 122 -30.12 -37.77 -26.10
CA GLU C 122 -31.38 -38.20 -26.70
C GLU C 122 -31.38 -38.09 -28.22
N HIS C 123 -30.78 -37.04 -28.78
CA HIS C 123 -30.71 -36.87 -30.22
C HIS C 123 -29.29 -37.00 -30.76
N HIS C 124 -28.56 -37.99 -30.24
CA HIS C 124 -27.20 -38.31 -30.67
C HIS C 124 -27.10 -39.80 -30.89
N HIS C 125 -26.39 -40.17 -31.95
CA HIS C 125 -26.28 -41.53 -32.38
C HIS C 125 -24.95 -42.16 -32.02
N ASP D 1 9.78 16.08 -10.52
CA ASP D 1 10.03 14.78 -9.86
C ASP D 1 9.69 13.60 -10.79
N ASN D 2 10.35 12.47 -10.56
CA ASN D 2 10.05 11.28 -11.31
C ASN D 2 8.77 10.67 -10.77
N VAL D 3 7.81 10.42 -11.66
CA VAL D 3 6.53 9.82 -11.29
C VAL D 3 6.59 8.36 -11.71
N LEU D 4 6.36 7.49 -10.74
CA LEU D 4 6.30 6.05 -10.99
C LEU D 4 4.84 5.59 -11.00
N THR D 5 4.44 4.94 -12.09
CA THR D 5 3.07 4.47 -12.30
C THR D 5 3.09 2.97 -12.40
N GLN D 6 2.46 2.31 -11.42
CA GLN D 6 2.40 0.85 -11.40
C GLN D 6 1.09 0.37 -12.04
N SER D 7 1.12 -0.83 -12.59
CA SER D 7 -0.09 -1.44 -13.15
C SER D 7 0.01 -2.93 -13.04
N PRO D 8 -1.13 -3.63 -12.75
CA PRO D 8 -2.50 -3.08 -12.46
C PRO D 8 -2.47 -2.48 -11.05
N ASP D 9 -3.52 -1.79 -10.65
CA ASP D 9 -3.62 -1.32 -9.27
C ASP D 9 -3.88 -2.47 -8.31
N SER D 10 -4.59 -3.51 -8.78
CA SER D 10 -4.75 -4.72 -7.99
C SER D 10 -4.87 -5.89 -8.96
N LEU D 11 -4.61 -7.07 -8.44
CA LEU D 11 -4.80 -8.24 -9.27
C LEU D 11 -5.00 -9.48 -8.42
N ALA D 12 -5.78 -10.41 -8.92
CA ALA D 12 -6.07 -11.67 -8.23
C ALA D 12 -5.37 -12.75 -9.03
N VAL D 13 -4.59 -13.59 -8.37
CA VAL D 13 -3.84 -14.66 -9.00
C VAL D 13 -4.11 -15.94 -8.23
N SER D 14 -4.27 -17.03 -8.96
CA SER D 14 -4.45 -18.33 -8.32
C SER D 14 -3.10 -18.81 -7.75
N LEU D 15 -3.18 -19.57 -6.66
CA LEU D 15 -1.98 -20.16 -6.06
C LEU D 15 -1.27 -21.05 -7.08
N GLY D 16 0.06 -20.96 -7.10
CA GLY D 16 0.85 -21.70 -8.05
C GLY D 16 1.09 -21.00 -9.38
N GLU D 17 0.36 -19.93 -9.69
CA GLU D 17 0.44 -19.30 -11.01
C GLU D 17 1.30 -18.07 -11.00
N ARG D 18 1.64 -17.59 -12.18
CA ARG D 18 2.53 -16.46 -12.33
C ARG D 18 1.80 -15.15 -12.11
N ALA D 19 2.45 -14.24 -11.39
CA ALA D 19 1.96 -12.88 -11.18
C ALA D 19 3.01 -11.93 -11.72
N THR D 20 2.59 -10.93 -12.52
CA THR D 20 3.48 -9.91 -13.04
C THR D 20 2.92 -8.52 -12.77
N ILE D 21 3.75 -7.65 -12.22
CA ILE D 21 3.41 -6.28 -11.90
C ILE D 21 4.39 -5.38 -12.65
N SER D 22 3.90 -4.28 -13.21
CA SER D 22 4.71 -3.36 -14.00
C SER D 22 4.86 -2.03 -13.27
N CYS D 23 5.99 -1.37 -13.55
CA CYS D 23 6.27 -0.04 -13.01
C CYS D 23 6.87 0.77 -14.15
N ARG D 24 6.25 1.91 -14.45
CA ARG D 24 6.70 2.78 -15.52
C ARG D 24 7.10 4.12 -14.91
N ALA D 25 8.32 4.56 -15.17
CA ALA D 25 8.80 5.84 -14.66
C ALA D 25 8.66 6.90 -15.73
N SER D 26 8.30 8.12 -15.33
CA SER D 26 8.22 9.23 -16.28
C SER D 26 9.59 9.71 -16.73
N LYS D 27 10.64 9.41 -15.98
CA LYS D 27 11.99 9.74 -16.36
C LYS D 27 12.86 8.50 -16.22
N SER D 28 13.91 8.40 -17.04
CA SER D 28 14.80 7.26 -16.93
C SER D 28 15.48 7.19 -15.56
N VAL D 29 15.50 6.01 -14.96
CA VAL D 29 16.24 5.79 -13.73
C VAL D 29 17.59 5.13 -13.98
N ARG D 30 18.00 5.06 -15.25
CA ARG D 30 19.25 4.39 -15.59
C ARG D 30 20.35 5.44 -15.66
N THR D 31 21.48 5.15 -15.05
CA THR D 31 22.66 5.99 -15.16
C THR D 31 23.86 5.18 -14.68
N SER D 32 25.01 5.40 -15.31
CA SER D 32 26.25 4.75 -14.92
C SER D 32 26.17 3.23 -14.97
N GLY D 33 25.40 2.70 -15.92
CA GLY D 33 25.32 1.26 -16.08
C GLY D 33 24.44 0.52 -15.11
N TYR D 34 23.68 1.22 -14.28
CA TYR D 34 22.74 0.61 -13.35
C TYR D 34 21.35 1.23 -13.49
N ASN D 35 20.31 0.41 -13.26
CA ASN D 35 18.93 0.89 -13.20
C ASN D 35 18.57 1.05 -11.74
N TYR D 36 18.39 2.30 -11.30
CA TYR D 36 18.16 2.60 -9.88
C TYR D 36 16.67 2.50 -9.57
N MET D 37 16.15 1.28 -9.67
CA MET D 37 14.75 0.94 -9.36
C MET D 37 14.76 -0.25 -8.40
N HIS D 38 13.94 -0.17 -7.34
CA HIS D 38 13.94 -1.21 -6.29
C HIS D 38 12.47 -1.59 -6.07
N TRP D 39 12.24 -2.81 -5.56
CA TRP D 39 10.88 -3.28 -5.30
C TRP D 39 10.75 -3.71 -3.85
N TYR D 40 9.57 -3.44 -3.25
CA TYR D 40 9.27 -3.74 -1.86
C TYR D 40 7.95 -4.45 -1.77
N GLN D 41 7.81 -5.25 -0.72
CA GLN D 41 6.56 -5.90 -0.34
C GLN D 41 6.09 -5.32 0.97
N GLN D 42 4.77 -5.09 1.10
CA GLN D 42 4.26 -4.60 2.36
C GLN D 42 3.01 -5.36 2.74
N LYS D 43 2.97 -5.88 3.92
CA LYS D 43 1.79 -6.48 4.53
C LYS D 43 1.21 -5.59 5.62
N PRO D 44 -0.07 -5.77 5.97
CA PRO D 44 -0.69 -4.83 6.91
C PRO D 44 -0.01 -4.80 8.27
N GLY D 45 0.17 -3.59 8.79
CA GLY D 45 0.77 -3.43 10.11
C GLY D 45 2.28 -3.51 10.16
N GLN D 46 2.96 -3.64 9.03
CA GLN D 46 4.40 -3.82 8.97
C GLN D 46 5.02 -2.78 8.05
N PRO D 47 6.30 -2.44 8.24
CA PRO D 47 6.96 -1.64 7.24
C PRO D 47 7.12 -2.42 5.94
N PRO D 48 7.37 -1.71 4.83
CA PRO D 48 7.80 -2.41 3.61
C PRO D 48 9.06 -3.23 3.82
N LYS D 49 9.21 -4.26 3.00
CA LYS D 49 10.36 -5.14 3.00
C LYS D 49 11.00 -5.12 1.62
N LEU D 50 12.31 -4.88 1.57
CA LEU D 50 13.02 -4.83 0.30
C LEU D 50 13.15 -6.22 -0.30
N LEU D 51 12.71 -6.38 -1.54
CA LEU D 51 12.85 -7.65 -2.25
C LEU D 51 13.92 -7.66 -3.32
N ILE D 52 13.92 -6.65 -4.18
CA ILE D 52 14.69 -6.60 -5.42
C ILE D 52 15.40 -5.26 -5.42
N TYR D 53 16.72 -5.24 -5.62
CA TYR D 53 17.46 -3.99 -5.75
C TYR D 53 18.08 -3.86 -7.13
N LEU D 54 18.19 -2.61 -7.59
CA LEU D 54 18.79 -2.30 -8.91
C LEU D 54 18.18 -3.16 -10.02
N ALA D 55 16.84 -3.17 -10.01
CA ALA D 55 15.95 -3.72 -11.01
C ALA D 55 15.84 -5.24 -11.02
N SER D 56 16.95 -5.95 -10.83
CA SER D 56 16.93 -7.37 -11.10
C SER D 56 17.70 -8.22 -10.10
N ASN D 57 18.15 -7.66 -8.99
CA ASN D 57 18.97 -8.42 -8.02
C ASN D 57 18.13 -8.78 -6.80
N LEU D 58 18.10 -10.08 -6.47
CA LEU D 58 17.35 -10.52 -5.30
C LEU D 58 18.11 -10.21 -4.01
N LYS D 59 17.43 -9.60 -3.05
CA LYS D 59 18.03 -9.42 -1.74
C LYS D 59 18.17 -10.79 -1.07
N SER D 60 19.21 -10.96 -0.26
CA SER D 60 19.43 -12.22 0.44
C SER D 60 18.26 -12.55 1.34
N GLY D 61 17.89 -13.82 1.35
CA GLY D 61 16.76 -14.29 2.10
C GLY D 61 15.42 -14.24 1.39
N VAL D 62 15.35 -13.61 0.21
CA VAL D 62 14.10 -13.54 -0.56
C VAL D 62 13.98 -14.79 -1.43
N PRO D 63 12.83 -15.46 -1.47
CA PRO D 63 12.75 -16.69 -2.26
C PRO D 63 12.95 -16.42 -3.74
N ASP D 64 13.54 -17.39 -4.45
CA ASP D 64 13.87 -17.13 -5.85
C ASP D 64 12.69 -17.26 -6.81
N ARG D 65 11.46 -17.44 -6.31
CA ARG D 65 10.30 -17.28 -7.17
C ARG D 65 10.08 -15.80 -7.52
N PHE D 66 10.72 -14.89 -6.81
CA PHE D 66 10.69 -13.47 -7.16
C PHE D 66 11.80 -13.14 -8.14
N SER D 67 11.50 -12.29 -9.12
CA SER D 67 12.52 -11.80 -10.04
C SER D 67 12.09 -10.44 -10.57
N GLY D 68 13.05 -9.68 -11.07
CA GLY D 68 12.78 -8.37 -11.60
C GLY D 68 13.50 -8.23 -12.92
N SER D 69 12.90 -7.43 -13.80
CA SER D 69 13.53 -7.12 -15.07
C SER D 69 13.12 -5.73 -15.56
N GLY D 70 13.68 -5.32 -16.68
CA GLY D 70 13.45 -4.03 -17.27
C GLY D 70 14.69 -3.15 -17.30
N SER D 71 14.54 -2.03 -17.96
CA SER D 71 15.64 -1.08 -18.06
C SER D 71 15.05 0.28 -18.37
N GLY D 72 15.82 1.32 -18.04
CA GLY D 72 15.43 2.67 -18.43
C GLY D 72 14.26 3.20 -17.63
N THR D 73 13.07 3.07 -18.24
CA THR D 73 11.84 3.54 -17.64
C THR D 73 10.80 2.49 -17.35
N ASP D 74 10.93 1.26 -17.88
CA ASP D 74 9.91 0.22 -17.81
C ASP D 74 10.46 -0.98 -17.06
N PHE D 75 9.78 -1.36 -15.98
CA PHE D 75 10.26 -2.41 -15.09
C PHE D 75 9.11 -3.34 -14.73
N THR D 76 9.47 -4.59 -14.42
CA THR D 76 8.49 -5.60 -14.05
C THR D 76 9.00 -6.40 -12.86
N LEU D 77 8.08 -6.77 -11.98
CA LEU D 77 8.30 -7.68 -10.89
C LEU D 77 7.48 -8.94 -11.20
N THR D 78 8.11 -10.11 -11.12
CA THR D 78 7.43 -11.35 -11.41
C THR D 78 7.55 -12.28 -10.23
N ILE D 79 6.43 -12.91 -9.88
CA ILE D 79 6.42 -14.07 -8.99
C ILE D 79 6.07 -15.28 -9.85
N SER D 80 7.00 -16.23 -9.95
CA SER D 80 6.84 -17.28 -10.94
C SER D 80 5.78 -18.29 -10.50
N SER D 81 5.53 -18.40 -9.20
CA SER D 81 4.62 -19.41 -8.66
C SER D 81 4.05 -18.85 -7.36
N LEU D 82 2.87 -18.23 -7.45
CA LEU D 82 2.35 -17.52 -6.29
C LEU D 82 2.04 -18.45 -5.13
N GLN D 83 2.50 -18.07 -3.91
CA GLN D 83 2.20 -18.83 -2.70
C GLN D 83 1.40 -17.93 -1.78
N ALA D 84 0.77 -18.53 -0.76
CA ALA D 84 -0.21 -17.78 0.06
C ALA D 84 0.47 -16.60 0.78
N GLU D 85 1.71 -16.79 1.19
CA GLU D 85 2.44 -15.74 1.91
C GLU D 85 2.80 -14.55 1.03
N ASP D 86 2.62 -14.65 -0.29
CA ASP D 86 2.96 -13.58 -1.22
C ASP D 86 1.83 -12.58 -1.40
N ALA D 87 0.65 -12.82 -0.83
CA ALA D 87 -0.40 -11.81 -0.90
C ALA D 87 -0.01 -10.60 -0.06
N ALA D 88 0.02 -9.44 -0.71
CA ALA D 88 0.59 -8.23 -0.14
C ALA D 88 0.44 -7.07 -1.12
N THR D 89 0.84 -5.85 -0.73
CA THR D 89 0.99 -4.74 -1.67
C THR D 89 2.46 -4.61 -2.04
N TYR D 90 2.73 -4.44 -3.32
CA TYR D 90 4.06 -4.25 -3.87
C TYR D 90 4.26 -2.83 -4.34
N TYR D 91 5.47 -2.33 -4.08
CA TYR D 91 5.79 -0.96 -4.44
C TYR D 91 7.11 -0.95 -5.19
N CYS D 92 7.18 -0.14 -6.26
CA CYS D 92 8.46 0.19 -6.87
C CYS D 92 8.93 1.53 -6.31
N GLN D 93 10.24 1.76 -6.40
CA GLN D 93 10.85 2.99 -5.90
C GLN D 93 12.10 3.28 -6.72
N HIS D 94 12.34 4.53 -7.12
CA HIS D 94 13.60 4.89 -7.77
C HIS D 94 14.56 5.56 -6.79
N SER D 95 15.86 5.43 -7.08
CA SER D 95 16.89 6.18 -6.37
C SER D 95 17.83 6.85 -7.37
N ARG D 96 17.23 7.47 -8.39
CA ARG D 96 18.01 8.09 -9.46
C ARG D 96 18.35 9.53 -9.13
N GLU D 97 17.49 10.22 -8.40
CA GLU D 97 17.61 11.63 -8.11
C GLU D 97 16.81 11.88 -6.83
N LEU D 98 16.94 13.08 -6.30
CA LEU D 98 16.01 13.49 -5.25
C LEU D 98 14.83 14.27 -5.84
N PRO D 99 13.62 14.17 -5.27
CA PRO D 99 13.25 13.33 -4.12
C PRO D 99 13.16 11.87 -4.56
N TYR D 100 13.55 10.94 -3.70
CA TYR D 100 13.15 9.55 -3.91
C TYR D 100 11.62 9.48 -3.99
N THR D 101 11.09 8.75 -4.96
CA THR D 101 9.64 8.58 -5.02
C THR D 101 9.30 7.11 -5.26
N PHE D 102 8.09 6.74 -4.84
CA PHE D 102 7.53 5.41 -4.91
C PHE D 102 6.37 5.37 -5.91
N GLY D 103 6.17 4.20 -6.48
CA GLY D 103 4.92 3.91 -7.17
C GLY D 103 3.75 3.90 -6.21
N GLN D 104 2.53 3.87 -6.79
CA GLN D 104 1.35 3.99 -5.93
C GLN D 104 1.00 2.67 -5.22
N GLY D 105 1.54 1.57 -5.67
CA GLY D 105 1.30 0.30 -5.02
C GLY D 105 0.37 -0.55 -5.85
N THR D 106 0.64 -1.86 -5.88
CA THR D 106 -0.19 -2.85 -6.56
C THR D 106 -0.55 -3.88 -5.50
N LYS D 107 -1.86 -4.09 -5.29
CA LYS D 107 -2.33 -5.07 -4.31
C LYS D 107 -2.47 -6.43 -4.99
N LEU D 108 -1.77 -7.43 -4.48
CA LEU D 108 -1.82 -8.78 -5.00
C LEU D 108 -2.62 -9.65 -4.05
N GLU D 109 -3.72 -10.21 -4.54
CA GLU D 109 -4.61 -11.05 -3.73
C GLU D 109 -4.73 -12.45 -4.33
N ILE D 110 -5.35 -13.35 -3.57
CA ILE D 110 -5.50 -14.73 -4.00
C ILE D 110 -6.84 -14.85 -4.72
N LYS D 111 -6.81 -15.40 -5.91
CA LYS D 111 -8.02 -15.64 -6.68
C LYS D 111 -8.76 -16.85 -6.16
N ARG D 112 -10.10 -16.76 -6.13
CA ARG D 112 -10.94 -17.91 -5.84
C ARG D 112 -12.21 -17.77 -6.66
N THR D 113 -13.13 -18.72 -6.48
CA THR D 113 -14.41 -18.67 -7.18
C THR D 113 -15.34 -17.61 -6.58
N VAL D 114 -16.32 -17.19 -7.39
CA VAL D 114 -17.23 -16.14 -6.98
C VAL D 114 -18.12 -16.66 -5.87
N ALA D 115 -18.38 -15.82 -4.86
CA ALA D 115 -19.31 -16.15 -3.78
C ALA D 115 -20.15 -14.93 -3.47
N ALA D 116 -21.45 -15.02 -3.62
CA ALA D 116 -22.32 -13.90 -3.27
C ALA D 116 -22.37 -13.74 -1.75
N PRO D 117 -22.59 -12.55 -1.24
CA PRO D 117 -22.59 -12.38 0.22
C PRO D 117 -23.83 -12.91 0.91
N SER D 118 -23.62 -13.40 2.14
CA SER D 118 -24.69 -13.61 3.10
C SER D 118 -24.95 -12.29 3.82
N VAL D 119 -26.21 -11.85 3.87
CA VAL D 119 -26.56 -10.50 4.32
C VAL D 119 -27.28 -10.60 5.66
N PHE D 120 -26.79 -9.87 6.64
CA PHE D 120 -27.43 -9.81 7.95
C PHE D 120 -27.65 -8.36 8.34
N ILE D 121 -28.60 -8.16 9.26
CA ILE D 121 -28.87 -6.79 9.69
C ILE D 121 -29.10 -6.76 11.20
N PHE D 122 -28.70 -5.66 11.85
CA PHE D 122 -28.79 -5.50 13.29
C PHE D 122 -29.46 -4.18 13.62
N PRO D 123 -30.56 -4.17 14.36
CA PRO D 123 -31.11 -2.91 14.84
C PRO D 123 -30.21 -2.26 15.87
N PRO D 124 -30.37 -0.98 16.15
CA PRO D 124 -29.61 -0.36 17.25
C PRO D 124 -29.97 -1.03 18.58
N SER D 125 -29.02 -1.02 19.50
CA SER D 125 -29.29 -1.50 20.85
C SER D 125 -30.12 -0.49 21.62
N ASP D 126 -30.89 -0.99 22.59
CA ASP D 126 -31.64 -0.08 23.45
C ASP D 126 -30.70 0.85 24.23
N GLU D 127 -29.50 0.36 24.57
CA GLU D 127 -28.55 1.18 25.31
C GLU D 127 -28.13 2.39 24.47
N GLN D 128 -27.81 2.17 23.21
CA GLN D 128 -27.41 3.31 22.39
C GLN D 128 -28.59 4.28 22.23
N LEU D 129 -29.78 3.73 22.01
CA LEU D 129 -30.93 4.58 21.74
C LEU D 129 -31.17 5.56 22.87
N LYS D 130 -30.96 5.13 24.12
CA LYS D 130 -31.14 6.03 25.26
C LYS D 130 -30.24 7.26 25.18
N SER D 131 -29.05 7.13 24.60
CA SER D 131 -28.11 8.22 24.47
C SER D 131 -28.42 9.16 23.30
N GLY D 132 -29.46 8.90 22.52
CA GLY D 132 -29.91 9.83 21.51
C GLY D 132 -29.57 9.52 20.06
N THR D 133 -28.84 8.44 19.81
CA THR D 133 -28.37 8.10 18.47
C THR D 133 -28.72 6.64 18.16
N ALA D 134 -28.90 6.36 16.87
CA ALA D 134 -29.28 5.03 16.41
C ALA D 134 -28.33 4.64 15.29
N SER D 135 -27.57 3.57 15.51
CA SER D 135 -26.73 2.98 14.46
C SER D 135 -27.35 1.67 14.03
N VAL D 136 -27.62 1.54 12.73
CA VAL D 136 -28.16 0.32 12.13
C VAL D 136 -27.03 -0.27 11.29
N VAL D 137 -26.77 -1.56 11.48
CA VAL D 137 -25.61 -2.21 10.87
C VAL D 137 -26.03 -3.32 9.91
N CYS D 138 -25.52 -3.28 8.69
CA CYS D 138 -25.74 -4.28 7.66
C CYS D 138 -24.41 -4.99 7.45
N LEU D 139 -24.43 -6.31 7.51
CA LEU D 139 -23.23 -7.12 7.43
C LEU D 139 -23.32 -8.00 6.18
N LEU D 140 -22.31 -7.95 5.34
CA LEU D 140 -22.17 -8.79 4.15
C LEU D 140 -21.01 -9.73 4.49
N ASN D 141 -21.32 -11.01 4.63
CA ASN D 141 -20.33 -11.97 5.11
C ASN D 141 -19.84 -12.87 3.97
N ASN D 142 -18.53 -13.03 3.90
CA ASN D 142 -17.86 -14.08 3.14
C ASN D 142 -18.24 -14.09 1.67
N PHE D 143 -17.81 -13.04 0.98
CA PHE D 143 -18.10 -12.92 -0.44
C PHE D 143 -16.82 -12.68 -1.22
N TYR D 144 -16.94 -12.84 -2.57
CA TYR D 144 -15.80 -12.70 -3.48
C TYR D 144 -16.35 -12.50 -4.89
N PRO D 145 -15.83 -11.55 -5.68
CA PRO D 145 -14.80 -10.56 -5.39
C PRO D 145 -15.25 -9.46 -4.42
N ARG D 146 -14.32 -8.55 -4.10
CA ARG D 146 -14.52 -7.55 -3.07
C ARG D 146 -15.58 -6.52 -3.43
N GLU D 147 -15.73 -6.21 -4.69
CA GLU D 147 -16.60 -5.12 -5.11
C GLU D 147 -18.06 -5.47 -4.81
N ALA D 148 -18.75 -4.52 -4.20
CA ALA D 148 -20.15 -4.67 -3.84
C ALA D 148 -20.72 -3.27 -3.63
N LYS D 149 -22.04 -3.20 -3.68
CA LYS D 149 -22.77 -1.97 -3.41
C LYS D 149 -23.85 -2.24 -2.38
N VAL D 150 -23.90 -1.40 -1.36
CA VAL D 150 -24.91 -1.45 -0.31
C VAL D 150 -25.68 -0.14 -0.36
N GLN D 151 -26.98 -0.23 -0.39
CA GLN D 151 -27.85 0.93 -0.33
C GLN D 151 -28.83 0.75 0.82
N TRP D 152 -29.02 1.80 1.58
CA TRP D 152 -29.97 1.80 2.68
C TRP D 152 -31.29 2.40 2.23
N LYS D 153 -32.39 1.79 2.70
CA LYS D 153 -33.73 2.30 2.50
C LYS D 153 -34.41 2.33 3.85
N VAL D 154 -35.20 3.37 4.05
CA VAL D 154 -35.91 3.60 5.30
C VAL D 154 -37.34 3.85 4.86
N ASP D 155 -38.25 2.97 5.26
CA ASP D 155 -39.64 2.99 4.77
C ASP D 155 -39.68 3.14 3.25
N ASN D 156 -38.79 2.37 2.59
CA ASN D 156 -38.65 2.28 1.13
C ASN D 156 -38.10 3.53 0.46
N ALA D 157 -37.64 4.52 1.21
CA ALA D 157 -36.98 5.69 0.64
C ALA D 157 -35.46 5.48 0.64
N LEU D 158 -34.84 5.61 -0.53
CA LEU D 158 -33.40 5.47 -0.59
C LEU D 158 -32.69 6.56 0.22
N GLN D 159 -31.65 6.16 0.93
CA GLN D 159 -30.87 7.05 1.79
C GLN D 159 -29.57 7.45 1.11
N SER D 160 -29.04 8.60 1.51
CA SER D 160 -27.71 8.97 1.07
C SER D 160 -27.12 9.94 2.07
N GLY D 161 -25.79 9.83 2.24
CA GLY D 161 -25.04 10.74 3.07
C GLY D 161 -25.00 10.38 4.54
N ASN D 162 -25.72 9.33 4.97
CA ASN D 162 -25.81 9.01 6.39
C ASN D 162 -25.35 7.59 6.68
N SER D 163 -24.48 7.03 5.83
CA SER D 163 -23.90 5.73 6.07
C SER D 163 -22.41 5.74 5.74
N GLN D 164 -21.67 4.85 6.39
CA GLN D 164 -20.28 4.60 6.07
C GLN D 164 -20.06 3.09 6.06
N GLU D 165 -19.05 2.67 5.33
CA GLU D 165 -18.78 1.24 5.24
C GLU D 165 -17.28 0.97 5.36
N SER D 166 -16.96 -0.28 5.67
CA SER D 166 -15.62 -0.76 5.90
C SER D 166 -15.56 -2.23 5.46
N VAL D 167 -14.42 -2.64 4.90
CA VAL D 167 -14.25 -3.98 4.35
C VAL D 167 -13.02 -4.63 5.00
N THR D 168 -13.12 -5.94 5.30
CA THR D 168 -11.96 -6.65 5.85
C THR D 168 -10.94 -6.91 4.74
N GLU D 169 -9.73 -7.25 5.15
CA GLU D 169 -8.79 -7.87 4.21
C GLU D 169 -9.23 -9.31 3.89
N GLN D 170 -8.62 -9.89 2.87
CA GLN D 170 -8.95 -11.26 2.47
C GLN D 170 -8.74 -12.24 3.60
N ASP D 171 -9.74 -13.10 3.82
CA ASP D 171 -9.71 -14.04 4.93
C ASP D 171 -8.63 -15.08 4.71
N SER D 172 -7.88 -15.40 5.76
CA SER D 172 -6.75 -16.31 5.62
C SER D 172 -7.18 -17.74 5.36
N LYS D 173 -8.43 -18.10 5.63
CA LYS D 173 -8.89 -19.47 5.48
C LYS D 173 -9.64 -19.71 4.18
N ASP D 174 -10.56 -18.80 3.77
CA ASP D 174 -11.38 -19.06 2.58
C ASP D 174 -11.24 -17.99 1.51
N SER D 175 -10.34 -17.03 1.72
CA SER D 175 -9.99 -16.01 0.76
C SER D 175 -11.15 -15.10 0.38
N THR D 176 -12.15 -14.95 1.25
CA THR D 176 -13.27 -14.07 0.99
C THR D 176 -13.10 -12.75 1.74
N TYR D 177 -14.04 -11.86 1.50
CA TYR D 177 -14.15 -10.58 2.17
C TYR D 177 -15.44 -10.55 2.98
N SER D 178 -15.48 -9.68 3.97
CA SER D 178 -16.73 -9.27 4.62
C SER D 178 -16.76 -7.73 4.66
N LEU D 179 -17.95 -7.17 4.73
CA LEU D 179 -18.16 -5.73 4.68
C LEU D 179 -19.25 -5.38 5.69
N SER D 180 -19.08 -4.27 6.38
CA SER D 180 -20.14 -3.72 7.22
C SER D 180 -20.51 -2.35 6.70
N SER D 181 -21.79 -2.03 6.72
CA SER D 181 -22.28 -0.69 6.41
C SER D 181 -23.11 -0.24 7.60
N THR D 182 -22.84 0.95 8.13
CA THR D 182 -23.55 1.48 9.28
C THR D 182 -24.33 2.73 8.92
N LEU D 183 -25.64 2.70 9.14
CA LEU D 183 -26.53 3.84 8.96
C LEU D 183 -26.68 4.51 10.31
N THR D 184 -26.43 5.81 10.38
CA THR D 184 -26.51 6.58 11.62
C THR D 184 -27.61 7.63 11.54
N LEU D 185 -28.56 7.55 12.47
CA LEU D 185 -29.69 8.46 12.56
C LEU D 185 -29.84 8.94 13.99
N SER D 186 -30.49 10.09 14.18
CA SER D 186 -30.88 10.50 15.51
C SER D 186 -31.94 9.55 16.03
N LYS D 187 -32.05 9.47 17.36
CA LYS D 187 -33.12 8.68 17.96
C LYS D 187 -34.48 9.11 17.44
N ALA D 188 -34.71 10.42 17.36
CA ALA D 188 -36.02 10.92 16.94
C ALA D 188 -36.33 10.45 15.53
N ASP D 189 -35.37 10.51 14.61
CA ASP D 189 -35.63 10.06 13.24
C ASP D 189 -35.82 8.54 13.20
N TYR D 190 -35.04 7.81 14.00
CA TYR D 190 -35.18 6.35 14.02
C TYR D 190 -36.60 5.93 14.43
N GLU D 191 -37.17 6.62 15.41
CA GLU D 191 -38.47 6.23 15.93
C GLU D 191 -39.62 6.74 15.08
N LYS D 192 -39.35 7.53 14.05
CA LYS D 192 -40.38 8.00 13.13
C LYS D 192 -40.68 7.01 12.02
N HIS D 193 -39.88 5.95 11.87
CA HIS D 193 -39.97 5.06 10.72
C HIS D 193 -39.99 3.61 11.17
N LYS D 194 -40.54 2.74 10.29
CA LYS D 194 -40.78 1.35 10.63
C LYS D 194 -39.78 0.39 10.02
N VAL D 195 -39.56 0.46 8.71
CA VAL D 195 -38.82 -0.56 7.98
C VAL D 195 -37.43 -0.04 7.63
N TYR D 196 -36.41 -0.79 8.01
CA TYR D 196 -35.01 -0.45 7.79
C TYR D 196 -34.43 -1.59 6.97
N ALA D 197 -33.85 -1.25 5.80
CA ALA D 197 -33.45 -2.25 4.83
C ALA D 197 -32.09 -1.90 4.27
N CYS D 198 -31.28 -2.94 3.96
CA CYS D 198 -30.08 -2.78 3.12
C CYS D 198 -30.25 -3.64 1.86
N GLU D 199 -30.08 -2.97 0.72
CA GLU D 199 -30.10 -3.62 -0.57
C GLU D 199 -28.67 -3.83 -1.04
N VAL D 200 -28.36 -5.04 -1.47
CA VAL D 200 -26.99 -5.44 -1.76
C VAL D 200 -26.91 -5.87 -3.22
N THR D 201 -25.93 -5.33 -3.95
CA THR D 201 -25.60 -5.71 -5.31
C THR D 201 -24.18 -6.27 -5.32
N HIS D 202 -23.99 -7.30 -6.14
CA HIS D 202 -22.72 -8.00 -6.23
C HIS D 202 -22.66 -8.73 -7.58
N GLN D 203 -21.49 -8.90 -8.15
CA GLN D 203 -21.47 -9.50 -9.50
C GLN D 203 -21.96 -10.95 -9.50
N GLY D 204 -21.91 -11.63 -8.35
CA GLY D 204 -22.48 -12.99 -8.26
C GLY D 204 -23.96 -13.07 -7.99
N LEU D 205 -24.66 -11.92 -7.93
CA LEU D 205 -26.10 -11.88 -7.80
C LEU D 205 -26.78 -11.42 -9.09
N SER D 206 -27.80 -12.18 -9.52
CA SER D 206 -28.51 -11.84 -10.74
C SER D 206 -29.38 -10.59 -10.52
N SER D 207 -29.85 -10.36 -9.31
CA SER D 207 -30.53 -9.12 -8.98
C SER D 207 -30.19 -8.75 -7.54
N PRO D 208 -30.43 -7.52 -7.15
CA PRO D 208 -30.05 -7.14 -5.78
C PRO D 208 -30.91 -7.86 -4.76
N VAL D 209 -30.32 -8.13 -3.61
CA VAL D 209 -31.00 -8.78 -2.49
C VAL D 209 -31.22 -7.76 -1.41
N THR D 210 -32.34 -7.86 -0.68
CA THR D 210 -32.68 -6.93 0.38
C THR D 210 -32.87 -7.69 1.68
N LYS D 211 -32.29 -7.15 2.76
CA LYS D 211 -32.48 -7.65 4.10
C LYS D 211 -33.07 -6.50 4.90
N SER D 212 -34.13 -6.80 5.66
CA SER D 212 -34.75 -5.71 6.39
C SER D 212 -35.32 -6.18 7.72
N PHE D 213 -35.66 -5.23 8.60
CA PHE D 213 -36.43 -5.50 9.81
C PHE D 213 -37.46 -4.38 10.00
N ASN D 214 -38.47 -4.68 10.81
CA ASN D 214 -39.48 -3.72 11.24
C ASN D 214 -39.17 -3.30 12.67
N ARG D 215 -39.15 -2.00 12.91
CA ARG D 215 -38.76 -1.46 14.24
C ARG D 215 -39.75 -1.95 15.29
#